data_5X5W
#
_entry.id   5X5W
#
_cell.length_a   79.945
_cell.length_b   98.110
_cell.length_c   128.395
_cell.angle_alpha   90.00
_cell.angle_beta   90.00
_cell.angle_gamma   90.00
#
_symmetry.space_group_name_H-M   'P 21 21 21'
#
loop_
_entity.id
_entity.type
_entity.pdbx_description
1 polymer GD
2 polymer Nectin-1
3 water water
#
loop_
_entity_poly.entity_id
_entity_poly.type
_entity_poly.pdbx_seq_one_letter_code
_entity_poly.pdbx_strand_id
1 'polypeptide(L)'
;MLLAALLAALVARTTLGADVDAVPAPTFPPPAYPYTESWQLTLTTVPSPFVGPADVYHTRPLEDPCGVVALISDPQVDRL
LNEAVAHRRPTYRAHVAWYRIADGCAHLLYFIEYADCDPRQVFGRCRRRTTPMWWTPSADYMFPTEDELGLLMVAPGRFN
EGQYRRLVSVDGVNILTDFMVALPEGQECPFARVDQHRTYKFGACWSDDSFKRGVDVMRFLTPFYQQPPHREVVNYWYRK
NGRTLPRAYAAATPYAIDPARPSAGSPRPRPRPRPRPRPKPEPAPATPAPPDRLPEPATRDHAAGGRPTPRPPRPETPHR
PFAPPAVVPSGWPQPAEPFQPRTPAAPGVSRHRSVIVGTGTAMGALLVGVCVYIFFRLRGAKGYRLLGGPADADELKAQP
GP
;
A,C
2 'polypeptide(L)'
;DSMYGFIGTDVVLHCSFANPLPGVKITQVTWQKATNGSKQNVAIYNPAMGVSVLAPYRERVEFLRPSFTDGTIRLSRLEL
EDEGVYICEFATFPAGNRESQLNLTVM
;
B,D
#
# COMPACT_ATOMS: atom_id res chain seq x y z
N PRO A 26 -25.30 -34.44 10.84
CA PRO A 26 -25.03 -33.59 9.68
C PRO A 26 -24.38 -34.35 8.53
N THR A 27 -25.11 -34.53 7.44
CA THR A 27 -24.60 -35.22 6.27
C THR A 27 -23.47 -34.40 5.65
N PHE A 28 -22.51 -35.07 5.04
CA PHE A 28 -21.44 -34.37 4.32
C PHE A 28 -22.00 -33.81 3.02
N PRO A 29 -21.94 -32.48 2.86
CA PRO A 29 -22.45 -31.83 1.65
C PRO A 29 -21.77 -32.32 0.37
N PRO A 30 -22.52 -32.46 -0.70
CA PRO A 30 -21.93 -32.79 -1.99
C PRO A 30 -21.40 -31.55 -2.63
N PRO A 31 -20.46 -31.74 -3.65
CA PRO A 31 -20.10 -30.49 -4.33
C PRO A 31 -21.30 -29.83 -4.90
N ALA A 32 -21.22 -28.57 -5.27
CA ALA A 32 -22.39 -27.86 -5.74
C ALA A 32 -22.73 -28.20 -7.17
N TYR A 33 -21.68 -28.14 -7.93
CA TYR A 33 -21.55 -28.31 -9.36
C TYR A 33 -20.35 -29.16 -9.56
N PRO A 34 -20.22 -29.84 -10.70
CA PRO A 34 -19.00 -30.64 -10.84
C PRO A 34 -17.77 -29.78 -11.13
N TYR A 35 -16.64 -30.18 -10.56
CA TYR A 35 -15.37 -29.53 -10.79
C TYR A 35 -14.22 -30.47 -10.42
N THR A 36 -13.12 -30.37 -11.15
CA THR A 36 -11.91 -31.08 -10.76
C THR A 36 -11.26 -30.31 -9.61
N GLU A 37 -11.04 -30.97 -8.48
CA GLU A 37 -10.44 -30.29 -7.34
C GLU A 37 -8.97 -30.68 -7.15
N SER A 38 -8.10 -29.68 -7.03
CA SER A 38 -6.69 -29.93 -6.76
C SER A 38 -6.19 -29.08 -5.60
N TRP A 39 -4.91 -29.22 -5.27
CA TRP A 39 -4.30 -28.38 -4.23
C TRP A 39 -3.76 -27.11 -4.86
N GLN A 40 -3.36 -27.20 -6.12
CA GLN A 40 -2.72 -26.11 -6.83
C GLN A 40 -3.09 -26.01 -8.28
N LEU A 41 -3.04 -24.83 -8.85
CA LEU A 41 -3.22 -24.67 -10.29
C LEU A 41 -2.00 -23.99 -10.91
N THR A 42 -2.05 -22.66 -11.03
CA THR A 42 -0.94 -21.94 -11.64
C THR A 42 -0.07 -21.28 -10.60
N LEU A 43 -0.64 -20.98 -9.43
CA LEU A 43 0.07 -20.21 -8.41
C LEU A 43 0.52 -21.07 -7.24
N THR A 44 1.78 -20.91 -6.87
CA THR A 44 2.38 -21.64 -5.77
C THR A 44 2.77 -20.67 -4.65
N THR A 45 2.63 -19.38 -4.94
CA THR A 45 2.96 -18.35 -3.97
C THR A 45 1.79 -17.40 -3.80
N VAL A 46 1.66 -16.86 -2.60
CA VAL A 46 0.54 -15.97 -2.31
C VAL A 46 0.75 -14.65 -3.03
N PRO A 47 -0.26 -14.23 -3.81
CA PRO A 47 -0.20 -12.92 -4.49
C PRO A 47 -0.21 -11.76 -3.50
N SER A 48 0.52 -10.69 -3.83
CA SER A 48 0.62 -9.55 -2.93
C SER A 48 -0.73 -8.86 -2.79
N PRO A 49 -1.03 -8.40 -1.61
CA PRO A 49 -2.24 -7.62 -1.35
C PRO A 49 -1.97 -6.14 -1.55
N PHE A 50 -0.71 -5.79 -1.41
CA PHE A 50 -0.25 -4.44 -1.71
C PHE A 50 -0.17 -4.20 -3.21
N VAL A 51 -1.30 -4.23 -3.88
CA VAL A 51 -1.33 -4.17 -5.32
C VAL A 51 -2.15 -2.95 -5.79
N GLY A 52 -2.27 -1.98 -4.88
CA GLY A 52 -2.97 -0.75 -5.19
C GLY A 52 -3.84 -0.24 -4.05
N PRO A 53 -4.48 0.92 -4.24
CA PRO A 53 -5.34 1.45 -3.16
C PRO A 53 -6.59 0.60 -3.01
N ALA A 54 -7.29 0.73 -1.89
CA ALA A 54 -8.46 -0.10 -1.62
C ALA A 54 -9.65 0.66 -1.05
N ASP A 55 -10.82 0.40 -1.60
CA ASP A 55 -12.06 0.97 -1.08
C ASP A 55 -12.31 0.45 0.34
N VAL A 56 -12.66 1.36 1.27
CA VAL A 56 -12.82 0.99 2.67
C VAL A 56 -14.28 0.74 3.07
N TYR A 57 -14.53 -0.40 3.72
CA TYR A 57 -15.86 -0.67 4.27
C TYR A 57 -15.77 -1.03 5.76
N HIS A 58 -16.88 -0.86 6.46
CA HIS A 58 -16.92 -1.16 7.88
C HIS A 58 -18.01 -2.19 8.12
N THR A 59 -17.66 -3.26 8.82
CA THR A 59 -18.65 -4.25 9.19
C THR A 59 -19.64 -3.63 10.17
N ARG A 60 -20.90 -4.00 10.11
CA ARG A 60 -21.87 -3.40 10.99
C ARG A 60 -21.67 -3.97 12.34
N PRO A 61 -22.00 -3.20 13.36
CA PRO A 61 -21.78 -3.55 14.77
C PRO A 61 -22.56 -4.79 15.22
N LEU A 62 -21.98 -5.54 16.15
CA LEU A 62 -22.64 -6.71 16.74
C LEU A 62 -23.74 -6.30 17.71
N GLU A 63 -24.89 -6.96 17.61
CA GLU A 63 -25.93 -6.80 18.62
C GLU A 63 -25.42 -7.34 19.96
N ASP A 64 -24.87 -8.55 19.94
CA ASP A 64 -24.26 -9.13 21.13
C ASP A 64 -23.03 -9.93 20.71
N PRO A 65 -22.00 -9.95 21.57
CA PRO A 65 -20.67 -10.43 21.16
C PRO A 65 -20.63 -11.88 20.70
N CYS A 66 -21.71 -12.63 20.89
CA CYS A 66 -21.80 -14.00 20.44
C CYS A 66 -22.46 -14.10 19.06
N GLY A 67 -22.63 -12.95 18.39
CA GLY A 67 -23.27 -12.93 17.10
C GLY A 67 -22.30 -13.23 15.95
N VAL A 68 -22.73 -12.93 14.73
CA VAL A 68 -21.91 -13.16 13.54
C VAL A 68 -21.57 -11.85 12.83
N VAL A 69 -20.31 -11.67 12.47
CA VAL A 69 -19.86 -10.48 11.77
C VAL A 69 -19.74 -10.74 10.27
N ALA A 70 -20.32 -9.86 9.46
CA ALA A 70 -20.44 -10.10 8.02
C ALA A 70 -19.51 -9.23 7.17
N LEU A 71 -18.30 -9.72 6.93
CA LEU A 71 -17.40 -9.08 5.98
C LEU A 71 -17.95 -9.31 4.58
N ILE A 72 -18.92 -8.49 4.21
CA ILE A 72 -19.67 -8.64 2.97
C ILE A 72 -19.74 -7.31 2.24
N SER A 73 -19.42 -7.32 0.96
CA SER A 73 -19.49 -6.12 0.12
C SER A 73 -19.17 -6.46 -1.33
N ASP A 74 -20.14 -6.23 -2.21
CA ASP A 74 -19.98 -6.52 -3.64
C ASP A 74 -18.72 -5.86 -4.20
N PRO A 75 -17.84 -6.67 -4.81
CA PRO A 75 -16.65 -6.10 -5.47
C PRO A 75 -16.93 -5.74 -6.93
N GLN A 76 -18.19 -5.86 -7.35
CA GLN A 76 -18.60 -5.59 -8.71
C GLN A 76 -17.68 -6.31 -9.69
N VAL A 77 -17.56 -7.62 -9.49
CA VAL A 77 -16.66 -8.45 -10.27
C VAL A 77 -17.36 -8.96 -11.52
N ASP A 78 -18.69 -8.82 -11.55
CA ASP A 78 -19.46 -9.29 -12.71
C ASP A 78 -19.25 -8.38 -13.90
N ARG A 79 -18.77 -7.17 -13.70
CA ARG A 79 -18.42 -6.41 -14.87
C ARG A 79 -17.36 -7.18 -15.62
N LEU A 80 -16.31 -7.58 -14.93
CA LEU A 80 -15.22 -8.26 -15.59
C LEU A 80 -15.68 -9.56 -16.23
N LEU A 81 -16.83 -10.05 -15.80
CA LEU A 81 -17.41 -11.25 -16.39
C LEU A 81 -18.20 -10.89 -17.65
N ASN A 82 -18.79 -9.70 -17.65
CA ASN A 82 -19.53 -9.21 -18.81
C ASN A 82 -18.59 -8.88 -19.97
N GLU A 83 -17.41 -8.37 -19.65
CA GLU A 83 -16.41 -8.05 -20.66
C GLU A 83 -15.85 -9.31 -21.31
N ALA A 84 -15.74 -10.38 -20.52
CA ALA A 84 -15.28 -11.65 -21.04
C ALA A 84 -16.31 -12.25 -22.01
N VAL A 85 -17.58 -11.91 -21.81
CA VAL A 85 -18.63 -12.32 -22.74
C VAL A 85 -18.64 -11.36 -23.92
N ALA A 86 -18.30 -10.10 -23.66
CA ALA A 86 -18.24 -9.09 -24.69
C ALA A 86 -17.12 -9.39 -25.69
N HIS A 87 -15.93 -9.69 -25.19
CA HIS A 87 -14.79 -10.03 -26.05
C HIS A 87 -14.83 -11.51 -26.45
N ARG A 88 -15.88 -12.20 -26.06
CA ARG A 88 -16.05 -13.53 -26.52
C ARG A 88 -15.02 -14.53 -26.00
N ARG A 89 -14.59 -14.40 -24.75
CA ARG A 89 -13.69 -15.35 -24.14
C ARG A 89 -14.58 -16.37 -23.47
N PRO A 90 -14.41 -17.63 -23.79
CA PRO A 90 -15.29 -18.69 -23.30
C PRO A 90 -15.10 -18.97 -21.80
N THR A 91 -13.90 -18.74 -21.30
CA THR A 91 -13.61 -18.96 -19.88
C THR A 91 -12.73 -17.86 -19.31
N TYR A 92 -12.91 -17.60 -18.02
CA TYR A 92 -12.04 -16.69 -17.31
C TYR A 92 -11.35 -17.46 -16.18
N ARG A 93 -10.21 -16.98 -15.72
CA ARG A 93 -9.54 -17.56 -14.58
C ARG A 93 -9.68 -16.57 -13.46
N ALA A 94 -9.44 -16.98 -12.24
CA ALA A 94 -9.64 -16.12 -11.09
C ALA A 94 -9.00 -16.67 -9.83
N HIS A 95 -8.86 -15.82 -8.85
CA HIS A 95 -8.47 -16.22 -7.55
C HIS A 95 -8.90 -15.22 -6.51
N VAL A 96 -9.11 -15.68 -5.29
CA VAL A 96 -9.55 -14.81 -4.21
C VAL A 96 -8.65 -15.02 -3.00
N ALA A 97 -8.30 -13.93 -2.31
CA ALA A 97 -7.44 -14.02 -1.14
C ALA A 97 -7.85 -13.00 -0.07
N TRP A 98 -7.65 -13.35 1.20
CA TRP A 98 -7.96 -12.44 2.31
C TRP A 98 -6.71 -12.27 3.18
N TYR A 99 -6.59 -11.10 3.80
CA TYR A 99 -5.39 -10.73 4.54
C TYR A 99 -5.75 -9.93 5.80
N ARG A 100 -4.89 -9.93 6.79
CA ARG A 100 -5.06 -9.11 7.94
C ARG A 100 -3.95 -8.12 7.88
N ILE A 101 -4.26 -6.84 7.82
CA ILE A 101 -3.26 -5.80 7.62
C ILE A 101 -2.81 -5.19 8.95
N ALA A 102 -1.54 -5.26 9.19
CA ALA A 102 -0.96 -4.67 10.35
C ALA A 102 -0.24 -3.42 9.88
N ASP A 103 1.02 -3.35 10.24
CA ASP A 103 1.81 -2.18 10.00
C ASP A 103 2.86 -2.34 8.91
N GLY A 104 2.54 -2.05 7.68
CA GLY A 104 3.54 -2.22 6.68
C GLY A 104 3.64 -3.64 6.31
N CYS A 105 2.67 -4.41 6.72
CA CYS A 105 2.83 -5.83 6.45
C CYS A 105 1.49 -6.56 6.64
N ALA A 106 1.39 -7.75 6.06
CA ALA A 106 0.12 -8.48 6.02
C ALA A 106 0.22 -9.92 6.56
N HIS A 107 -0.80 -10.35 7.29
CA HIS A 107 -0.90 -11.75 7.67
C HIS A 107 -1.73 -12.50 6.63
N LEU A 108 -1.39 -13.75 6.38
CA LEU A 108 -2.21 -14.56 5.48
C LEU A 108 -3.49 -14.97 6.20
N LEU A 109 -4.57 -15.19 5.45
CA LEU A 109 -5.81 -15.68 6.05
C LEU A 109 -6.49 -16.70 5.14
N TYR A 110 -6.47 -16.44 3.84
CA TYR A 110 -7.24 -17.22 2.89
C TYR A 110 -6.64 -17.15 1.49
N PHE A 111 -6.79 -18.21 0.72
CA PHE A 111 -6.45 -18.21 -0.70
C PHE A 111 -7.15 -19.35 -1.44
N ILE A 112 -7.61 -19.06 -2.65
CA ILE A 112 -8.20 -20.08 -3.51
C ILE A 112 -8.06 -19.64 -4.96
N GLU A 113 -7.86 -20.59 -5.86
CA GLU A 113 -7.63 -20.27 -7.26
C GLU A 113 -8.64 -21.00 -8.14
N TYR A 114 -9.00 -20.36 -9.25
CA TYR A 114 -9.97 -20.92 -10.18
C TYR A 114 -9.42 -20.99 -11.60
N ALA A 115 -10.01 -21.86 -12.41
CA ALA A 115 -9.61 -22.00 -13.80
C ALA A 115 -10.78 -22.52 -14.62
N ASP A 116 -10.88 -22.05 -15.86
CA ASP A 116 -11.95 -22.44 -16.77
C ASP A 116 -13.34 -22.10 -16.24
N CYS A 117 -13.47 -20.96 -15.56
CA CYS A 117 -14.79 -20.55 -15.08
C CYS A 117 -15.64 -20.02 -16.22
N ASP A 118 -16.96 -20.21 -16.09
CA ASP A 118 -17.93 -19.75 -17.09
C ASP A 118 -18.39 -18.32 -16.77
N PRO A 119 -18.09 -17.36 -17.67
CA PRO A 119 -18.39 -15.94 -17.48
C PRO A 119 -19.90 -15.65 -17.49
N ARG A 120 -20.66 -16.58 -18.03
CA ARG A 120 -22.09 -16.42 -18.13
C ARG A 120 -22.80 -16.86 -16.88
N GLN A 121 -22.07 -17.53 -15.99
CA GLN A 121 -22.64 -17.89 -14.73
C GLN A 121 -22.16 -16.99 -13.64
N VAL A 122 -22.69 -17.16 -12.44
CA VAL A 122 -22.24 -16.34 -11.33
C VAL A 122 -20.78 -16.68 -11.00
N PHE A 123 -20.11 -15.78 -10.30
CA PHE A 123 -18.70 -15.96 -9.98
C PHE A 123 -18.43 -17.26 -9.23
N GLY A 124 -17.36 -17.95 -9.61
CA GLY A 124 -16.95 -19.16 -8.92
C GLY A 124 -17.33 -20.43 -9.64
N ARG A 125 -18.19 -20.34 -10.63
CA ARG A 125 -18.59 -21.54 -11.33
C ARG A 125 -17.53 -21.97 -12.29
N CYS A 126 -16.62 -22.77 -11.80
CA CYS A 126 -15.38 -23.09 -12.50
C CYS A 126 -15.14 -24.60 -12.55
N ARG A 127 -14.60 -25.07 -13.67
CA ARG A 127 -14.36 -26.49 -13.90
C ARG A 127 -13.16 -26.99 -13.09
N ARG A 128 -12.26 -26.07 -12.78
CA ARG A 128 -11.07 -26.39 -12.01
C ARG A 128 -10.93 -25.40 -10.85
N ARG A 129 -10.82 -25.91 -9.63
CA ARG A 129 -10.57 -25.07 -8.48
C ARG A 129 -9.63 -25.75 -7.48
N THR A 130 -8.98 -24.94 -6.66
CA THR A 130 -8.16 -25.49 -5.57
C THR A 130 -9.00 -25.59 -4.32
N THR A 131 -8.58 -26.45 -3.40
CA THR A 131 -9.14 -26.41 -2.05
C THR A 131 -8.79 -25.06 -1.47
N PRO A 132 -9.72 -24.43 -0.73
CA PRO A 132 -9.34 -23.20 -0.02
C PRO A 132 -8.16 -23.44 0.90
N MET A 133 -7.30 -22.46 1.04
CA MET A 133 -6.18 -22.56 1.92
C MET A 133 -6.38 -21.63 3.03
N TRP A 134 -6.45 -22.16 4.23
CA TRP A 134 -6.77 -21.34 5.38
C TRP A 134 -5.63 -21.24 6.39
N TRP A 135 -5.68 -20.16 7.15
CA TRP A 135 -5.00 -20.08 8.43
C TRP A 135 -5.92 -20.75 9.43
N THR A 136 -5.57 -21.96 9.87
CA THR A 136 -6.53 -22.80 10.60
C THR A 136 -7.08 -22.25 11.91
N PRO A 137 -6.27 -21.54 12.72
CA PRO A 137 -6.91 -21.03 13.95
C PRO A 137 -8.17 -20.22 13.66
N SER A 138 -8.10 -19.37 12.64
CA SER A 138 -9.25 -18.54 12.26
C SER A 138 -10.33 -19.33 11.54
N ALA A 139 -9.96 -20.43 10.88
CA ALA A 139 -10.93 -21.25 10.15
C ALA A 139 -11.96 -21.89 11.11
N ASP A 140 -11.63 -21.89 12.39
CA ASP A 140 -12.45 -22.51 13.41
C ASP A 140 -13.75 -21.79 13.66
N TYR A 141 -13.81 -20.52 13.24
CA TYR A 141 -14.97 -19.68 13.51
C TYR A 141 -15.21 -18.65 12.40
N MET A 142 -14.45 -18.77 11.32
CA MET A 142 -14.64 -17.96 10.12
C MET A 142 -14.82 -18.87 8.91
N PHE A 143 -15.66 -18.46 7.96
CA PHE A 143 -15.91 -19.28 6.78
C PHE A 143 -16.52 -18.43 5.68
N PRO A 144 -16.34 -18.83 4.41
CA PRO A 144 -16.79 -17.96 3.31
C PRO A 144 -18.30 -17.97 3.17
N THR A 145 -18.84 -16.96 2.51
CA THR A 145 -20.28 -16.89 2.27
C THR A 145 -20.61 -17.74 1.04
N GLU A 146 -21.89 -17.84 0.70
CA GLU A 146 -22.30 -18.72 -0.37
C GLU A 146 -21.82 -18.25 -1.75
N ASP A 147 -21.55 -16.94 -1.87
CA ASP A 147 -21.10 -16.40 -3.15
C ASP A 147 -19.60 -16.49 -3.31
N GLU A 148 -18.93 -16.89 -2.23
CA GLU A 148 -17.47 -17.07 -2.14
C GLU A 148 -16.70 -15.74 -2.15
N LEU A 149 -17.40 -14.61 -2.10
CA LEU A 149 -16.74 -13.30 -2.14
C LEU A 149 -16.72 -12.55 -0.80
N GLY A 150 -17.43 -13.07 0.19
CA GLY A 150 -17.44 -12.43 1.49
C GLY A 150 -17.05 -13.40 2.59
N LEU A 151 -16.75 -12.88 3.77
CA LEU A 151 -16.43 -13.74 4.90
C LEU A 151 -17.41 -13.55 6.06
N LEU A 152 -17.61 -14.62 6.83
CA LEU A 152 -18.41 -14.57 8.03
C LEU A 152 -17.56 -14.92 9.24
N MET A 153 -17.61 -14.07 10.26
CA MET A 153 -16.81 -14.24 11.46
C MET A 153 -17.69 -14.58 12.67
N VAL A 154 -17.75 -15.87 13.00
CA VAL A 154 -18.69 -16.34 14.00
C VAL A 154 -18.17 -16.15 15.42
N ALA A 155 -18.94 -15.44 16.23
CA ALA A 155 -18.66 -15.23 17.66
C ALA A 155 -17.19 -14.96 17.97
N PRO A 156 -16.67 -13.81 17.50
CA PRO A 156 -15.24 -13.53 17.59
C PRO A 156 -14.80 -12.95 18.93
N GLY A 157 -13.61 -13.35 19.39
CA GLY A 157 -12.97 -12.70 20.52
C GLY A 157 -12.53 -11.32 20.09
N ARG A 158 -12.15 -10.50 21.03
CA ARG A 158 -11.85 -9.12 20.72
C ARG A 158 -10.66 -8.97 19.88
N PHE A 159 -9.79 -9.94 19.91
CA PHE A 159 -8.53 -9.87 19.19
C PHE A 159 -8.74 -9.81 17.67
N ASN A 160 -9.94 -10.14 17.23
CA ASN A 160 -10.22 -10.15 15.80
C ASN A 160 -10.39 -8.75 15.21
N GLU A 161 -10.48 -7.75 16.09
CA GLU A 161 -10.48 -6.36 15.67
C GLU A 161 -9.27 -6.09 14.79
N GLY A 162 -9.45 -5.30 13.74
CA GLY A 162 -8.38 -4.99 12.83
C GLY A 162 -8.85 -4.82 11.40
N GLN A 163 -7.89 -4.69 10.48
CA GLN A 163 -8.20 -4.41 9.09
C GLN A 163 -8.05 -5.65 8.23
N TYR A 164 -9.13 -6.01 7.54
CA TYR A 164 -9.15 -7.20 6.71
C TYR A 164 -9.19 -6.81 5.24
N ARG A 165 -8.28 -7.29 4.43
CA ARG A 165 -8.28 -6.95 3.06
C ARG A 165 -8.64 -8.13 2.22
N ARG A 166 -9.56 -7.95 1.30
CA ARG A 166 -9.91 -8.97 0.31
C ARG A 166 -9.34 -8.62 -1.06
N LEU A 167 -8.71 -9.62 -1.69
CA LEU A 167 -8.26 -9.48 -3.07
C LEU A 167 -9.07 -10.37 -4.00
N VAL A 168 -9.77 -9.75 -4.93
CA VAL A 168 -10.44 -10.51 -5.99
C VAL A 168 -9.71 -10.21 -7.29
N SER A 169 -9.42 -11.26 -8.05
CA SER A 169 -8.67 -11.11 -9.27
C SER A 169 -9.32 -11.87 -10.40
N VAL A 170 -9.63 -11.18 -11.49
CA VAL A 170 -10.17 -11.85 -12.67
C VAL A 170 -9.32 -11.54 -13.89
N ASP A 171 -8.73 -12.58 -14.45
CA ASP A 171 -7.90 -12.46 -15.60
C ASP A 171 -6.85 -11.42 -15.35
N GLY A 172 -6.18 -11.53 -14.23
CA GLY A 172 -5.01 -10.72 -13.94
C GLY A 172 -5.34 -9.35 -13.39
N VAL A 173 -6.62 -9.01 -13.34
CA VAL A 173 -7.06 -7.70 -12.85
C VAL A 173 -7.56 -7.78 -11.41
N ASN A 174 -7.01 -6.92 -10.55
CA ASN A 174 -7.24 -7.00 -9.12
C ASN A 174 -8.24 -6.00 -8.58
N ILE A 175 -9.10 -6.47 -7.67
CA ILE A 175 -10.05 -5.64 -6.94
C ILE A 175 -9.78 -5.75 -5.44
N LEU A 176 -9.33 -4.69 -4.80
CA LEU A 176 -9.06 -4.77 -3.38
C LEU A 176 -10.10 -4.08 -2.57
N THR A 177 -10.45 -4.68 -1.45
CA THR A 177 -11.38 -4.08 -0.49
C THR A 177 -10.83 -4.23 0.93
N ASP A 178 -10.95 -3.20 1.74
CA ASP A 178 -10.51 -3.28 3.10
C ASP A 178 -11.72 -3.26 3.97
N PHE A 179 -11.82 -4.20 4.90
CA PHE A 179 -12.91 -4.25 5.85
C PHE A 179 -12.44 -4.01 7.24
N MET A 180 -12.91 -2.95 7.86
CA MET A 180 -12.57 -2.65 9.21
C MET A 180 -13.59 -3.26 10.14
N VAL A 181 -13.11 -4.02 11.11
CA VAL A 181 -13.97 -4.77 11.98
C VAL A 181 -13.89 -4.20 13.36
N ALA A 182 -15.02 -3.79 13.89
CA ALA A 182 -15.10 -3.23 15.22
C ALA A 182 -16.04 -4.05 16.08
N LEU A 183 -15.67 -4.23 17.33
CA LEU A 183 -16.50 -4.94 18.29
C LEU A 183 -16.49 -4.23 19.61
N PRO A 184 -17.58 -4.37 20.34
CA PRO A 184 -17.83 -3.67 21.58
C PRO A 184 -16.69 -3.87 22.49
N GLU A 185 -16.37 -2.83 23.24
CA GLU A 185 -15.38 -2.96 24.27
C GLU A 185 -16.24 -3.63 25.30
N GLY A 186 -15.66 -4.13 26.38
CA GLY A 186 -16.44 -4.77 27.40
C GLY A 186 -16.67 -6.26 27.23
N GLN A 187 -17.84 -6.60 26.80
CA GLN A 187 -18.28 -7.98 26.69
C GLN A 187 -17.55 -8.73 25.63
N GLU A 188 -17.01 -9.89 25.97
CA GLU A 188 -16.47 -10.80 24.99
C GLU A 188 -17.26 -12.04 25.15
N CYS A 189 -17.69 -12.62 24.05
CA CYS A 189 -18.47 -13.83 24.07
C CYS A 189 -17.83 -14.95 24.85
N PRO A 190 -18.57 -15.50 25.79
CA PRO A 190 -18.07 -16.52 26.73
C PRO A 190 -17.57 -17.82 26.09
N PHE A 191 -17.90 -18.10 24.84
CA PHE A 191 -17.36 -19.29 24.18
C PHE A 191 -16.55 -18.97 22.91
N ALA A 192 -16.02 -17.76 22.83
CA ALA A 192 -15.22 -17.39 21.66
C ALA A 192 -13.97 -18.23 21.62
N ARG A 193 -13.55 -18.60 20.43
CA ARG A 193 -12.31 -19.33 20.27
C ARG A 193 -11.12 -18.43 20.51
N VAL A 194 -10.48 -18.62 21.63
CA VAL A 194 -9.33 -17.77 21.97
C VAL A 194 -8.06 -18.56 22.31
N ASP A 195 -8.11 -19.89 22.19
CA ASP A 195 -7.02 -20.73 22.65
C ASP A 195 -5.83 -20.73 21.69
N GLN A 196 -6.08 -21.05 20.42
CA GLN A 196 -5.02 -21.09 19.41
C GLN A 196 -4.30 -19.76 19.29
N HIS A 197 -5.05 -18.67 19.45
CA HIS A 197 -4.51 -17.32 19.30
C HIS A 197 -3.42 -17.04 20.33
N ARG A 198 -3.65 -17.46 21.57
CA ARG A 198 -2.64 -17.38 22.62
C ARG A 198 -1.30 -17.94 22.15
N THR A 199 -1.34 -19.03 21.41
CA THR A 199 -0.13 -19.76 21.05
C THR A 199 0.49 -19.32 19.73
N TYR A 200 -0.34 -19.11 18.70
CA TYR A 200 0.16 -18.84 17.36
C TYR A 200 -0.19 -17.44 16.84
N LYS A 201 -1.24 -16.85 17.41
CA LYS A 201 -1.74 -15.55 16.98
C LYS A 201 -2.15 -15.54 15.50
N PHE A 202 -1.68 -14.53 14.77
CA PHE A 202 -2.15 -14.34 13.40
C PHE A 202 -1.22 -14.96 12.37
N GLY A 203 -0.07 -15.45 12.85
CA GLY A 203 0.92 -16.03 11.98
C GLY A 203 1.87 -14.96 11.47
N ALA A 204 2.85 -15.39 10.68
CA ALA A 204 3.88 -14.49 10.16
C ALA A 204 3.27 -13.27 9.45
N CYS A 205 3.89 -12.11 9.67
CA CYS A 205 3.51 -10.84 9.03
C CYS A 205 4.44 -10.57 7.85
N TRP A 206 3.92 -10.37 6.66
CA TRP A 206 4.75 -10.29 5.50
C TRP A 206 4.73 -8.93 4.82
N SER A 207 5.85 -8.50 4.30
CA SER A 207 5.94 -7.24 3.55
C SER A 207 5.91 -7.52 2.05
N ASP A 208 5.64 -6.48 1.26
CA ASP A 208 5.52 -6.61 -0.19
C ASP A 208 6.79 -7.22 -0.78
N ASP A 209 7.92 -6.99 -0.11
CA ASP A 209 9.20 -7.58 -0.49
C ASP A 209 9.14 -9.09 -0.42
N SER A 210 8.75 -9.59 0.75
CA SER A 210 8.57 -11.02 1.00
C SER A 210 7.58 -11.66 0.03
N PHE A 211 6.51 -10.94 -0.29
CA PHE A 211 5.54 -11.44 -1.27
C PHE A 211 6.19 -11.60 -2.64
N LYS A 212 7.03 -10.66 -3.00
CA LYS A 212 7.75 -10.66 -4.26
C LYS A 212 8.73 -11.78 -4.35
N ARG A 213 9.45 -12.00 -3.27
CA ARG A 213 10.38 -13.12 -3.14
C ARG A 213 9.65 -14.46 -3.21
N GLY A 214 8.42 -14.50 -2.72
CA GLY A 214 7.60 -15.69 -2.83
C GLY A 214 7.29 -16.37 -1.51
N VAL A 215 6.07 -16.17 -1.03
CA VAL A 215 5.60 -16.82 0.18
C VAL A 215 4.75 -18.03 -0.21
N ASP A 216 5.27 -19.21 0.01
CA ASP A 216 4.64 -20.46 -0.40
C ASP A 216 3.25 -20.61 0.16
N VAL A 217 2.30 -20.98 -0.69
CA VAL A 217 0.90 -21.03 -0.30
C VAL A 217 0.63 -22.10 0.75
N MET A 218 1.08 -23.33 0.48
CA MET A 218 0.80 -24.46 1.36
C MET A 218 1.80 -24.60 2.52
N ARG A 219 2.82 -23.76 2.55
CA ARG A 219 3.72 -23.78 3.70
C ARG A 219 3.11 -23.02 4.87
N PHE A 220 2.51 -21.87 4.59
CA PHE A 220 1.94 -21.02 5.63
C PHE A 220 0.40 -21.04 5.68
N LEU A 221 -0.23 -21.59 4.65
CA LEU A 221 -1.68 -21.82 4.67
C LEU A 221 -1.97 -23.31 4.50
N THR A 222 -3.05 -23.80 5.05
CA THR A 222 -3.30 -25.21 4.96
C THR A 222 -4.62 -25.51 4.29
N PRO A 223 -4.67 -26.54 3.48
CA PRO A 223 -5.88 -26.89 2.71
C PRO A 223 -7.07 -27.22 3.62
N PHE A 224 -8.26 -26.75 3.28
CA PHE A 224 -9.42 -27.03 4.12
C PHE A 224 -10.65 -27.45 3.31
N TYR A 225 -11.83 -27.37 3.91
CA TYR A 225 -13.05 -27.74 3.21
C TYR A 225 -13.57 -26.58 2.36
N GLN A 226 -14.20 -26.94 1.24
CA GLN A 226 -14.92 -25.99 0.42
C GLN A 226 -16.01 -25.31 1.26
N GLN A 227 -16.63 -24.27 0.71
CA GLN A 227 -17.58 -23.46 1.49
C GLN A 227 -18.73 -24.27 2.09
N PRO A 228 -19.37 -25.16 1.31
CA PRO A 228 -20.47 -25.89 1.96
C PRO A 228 -20.04 -26.74 3.16
N PRO A 229 -19.06 -27.65 3.02
CA PRO A 229 -18.77 -28.40 4.25
C PRO A 229 -18.09 -27.57 5.33
N HIS A 230 -17.43 -26.48 4.96
CA HIS A 230 -16.81 -25.59 5.94
C HIS A 230 -17.90 -24.99 6.82
N ARG A 231 -19.01 -24.66 6.21
CA ARG A 231 -20.16 -24.07 6.87
C ARG A 231 -20.83 -24.97 7.85
N GLU A 232 -20.96 -26.23 7.49
CA GLU A 232 -21.56 -27.22 8.36
C GLU A 232 -20.70 -27.48 9.59
N VAL A 233 -19.39 -27.35 9.49
CA VAL A 233 -18.58 -27.53 10.68
C VAL A 233 -18.61 -26.35 11.57
N VAL A 234 -18.59 -25.16 11.03
CA VAL A 234 -18.70 -23.99 11.88
C VAL A 234 -20.10 -23.93 12.50
N ASN A 235 -21.09 -24.33 11.72
CA ASN A 235 -22.47 -24.38 12.20
C ASN A 235 -22.65 -25.40 13.32
N TYR A 236 -21.96 -26.53 13.22
CA TYR A 236 -22.07 -27.61 14.20
C TYR A 236 -21.47 -27.18 15.53
N TRP A 237 -20.40 -26.41 15.48
CA TRP A 237 -19.77 -25.89 16.69
C TRP A 237 -20.65 -24.80 17.32
N TYR A 238 -21.07 -23.85 16.49
CA TYR A 238 -21.97 -22.79 16.91
C TYR A 238 -23.18 -23.40 17.62
N ARG A 239 -23.92 -24.26 16.95
CA ARG A 239 -25.06 -24.86 17.57
C ARG A 239 -24.69 -25.43 18.89
N LYS A 240 -23.59 -26.12 18.92
CA LYS A 240 -23.25 -26.78 20.18
C LYS A 240 -23.10 -25.75 21.30
N ASN A 241 -23.16 -24.46 20.95
CA ASN A 241 -23.03 -23.40 21.94
C ASN A 241 -24.32 -22.58 22.06
N GLY A 242 -25.42 -23.15 21.56
CA GLY A 242 -26.73 -22.61 21.81
C GLY A 242 -27.24 -21.68 20.72
N ARG A 243 -26.34 -21.25 19.85
CA ARG A 243 -26.71 -20.29 18.81
C ARG A 243 -26.96 -20.99 17.48
N THR A 244 -27.46 -20.24 16.51
CA THR A 244 -27.70 -20.78 15.18
C THR A 244 -27.41 -19.70 14.14
N LEU A 245 -26.77 -20.10 13.05
CA LEU A 245 -26.40 -19.18 11.97
C LEU A 245 -27.61 -18.40 11.48
N PRO A 246 -27.47 -17.06 11.42
CA PRO A 246 -28.49 -16.18 10.86
C PRO A 246 -28.80 -16.54 9.41
N ARG A 247 -30.05 -16.36 9.00
CA ARG A 247 -30.48 -16.71 7.66
C ARG A 247 -29.88 -15.76 6.63
N ALA A 248 -29.83 -14.47 6.95
CA ALA A 248 -29.26 -13.48 6.04
C ALA A 248 -28.33 -12.52 6.79
N TYR A 249 -27.49 -11.81 6.05
CA TYR A 249 -26.52 -10.91 6.65
C TYR A 249 -26.54 -9.54 5.99
N ALA A 250 -26.48 -8.50 6.82
CA ALA A 250 -26.46 -7.13 6.33
C ALA A 250 -25.05 -6.75 5.90
N ALA A 251 -24.91 -6.28 4.67
CA ALA A 251 -23.61 -5.96 4.09
C ALA A 251 -22.90 -4.84 4.86
N ALA A 252 -21.65 -4.59 4.49
CA ALA A 252 -20.85 -3.57 5.14
C ALA A 252 -21.09 -2.19 4.52
N THR A 253 -20.86 -1.16 5.32
CA THR A 253 -21.12 0.22 4.92
C THR A 253 -19.82 0.99 4.69
N PRO A 254 -19.87 2.00 3.83
CA PRO A 254 -18.75 2.90 3.57
C PRO A 254 -18.48 3.88 4.68
N TYR A 255 -19.15 3.74 5.79
CA TYR A 255 -19.09 4.71 6.88
C TYR A 255 -19.18 4.00 8.23
N ALA A 256 -18.79 4.70 9.30
CA ALA A 256 -18.89 4.13 10.63
C ALA A 256 -20.28 4.37 11.23
N ILE A 257 -20.68 3.51 12.15
CA ILE A 257 -21.96 3.63 12.86
C ILE A 257 -21.66 3.79 14.36
N ASP A 258 -22.58 4.39 15.10
CA ASP A 258 -22.37 4.75 16.51
C ASP A 258 -21.23 5.76 16.66
N ASP B 1 3.59 -35.58 24.39
CA ASP B 1 4.48 -36.68 24.02
C ASP B 1 5.91 -36.20 23.76
N SER B 2 6.89 -36.98 24.17
CA SER B 2 8.28 -36.56 23.99
C SER B 2 9.05 -37.60 23.18
N MET B 3 9.81 -37.15 22.19
CA MET B 3 10.63 -38.05 21.39
C MET B 3 12.09 -37.60 21.34
N TYR B 4 12.98 -38.57 21.14
CA TYR B 4 14.41 -38.29 21.14
C TYR B 4 15.09 -38.80 19.87
N GLY B 5 15.96 -38.00 19.32
CA GLY B 5 16.63 -38.36 18.09
C GLY B 5 18.06 -37.94 18.14
N PHE B 6 18.87 -38.47 17.23
CA PHE B 6 20.31 -38.21 17.15
C PHE B 6 20.58 -37.55 15.83
N ILE B 7 21.54 -36.63 15.82
CA ILE B 7 21.98 -35.99 14.59
C ILE B 7 22.52 -36.98 13.55
N GLY B 8 22.40 -36.59 12.28
CA GLY B 8 22.79 -37.38 11.16
C GLY B 8 21.85 -38.52 11.00
N THR B 9 21.09 -38.81 12.03
CA THR B 9 20.23 -39.97 12.01
C THR B 9 18.83 -39.76 11.51
N ASP B 10 18.03 -40.78 11.64
CA ASP B 10 16.62 -40.65 11.27
C ASP B 10 15.72 -40.89 12.47
N VAL B 11 14.60 -40.18 12.55
CA VAL B 11 13.54 -40.49 13.51
C VAL B 11 12.23 -40.70 12.80
N VAL B 12 11.40 -41.57 13.36
CA VAL B 12 10.07 -41.77 12.83
C VAL B 12 9.04 -41.10 13.73
N LEU B 13 8.43 -40.02 13.25
CA LEU B 13 7.44 -39.28 14.03
C LEU B 13 6.05 -39.85 13.82
N HIS B 14 5.32 -40.03 14.90
CA HIS B 14 4.00 -40.63 14.85
C HIS B 14 2.88 -39.72 15.09
N CYS B 15 1.78 -40.03 14.46
CA CYS B 15 0.57 -39.25 14.64
C CYS B 15 -0.35 -39.89 15.67
N SER B 16 -0.53 -39.25 16.81
CA SER B 16 -1.24 -39.85 17.94
C SER B 16 -2.74 -39.60 18.13
N PHE B 17 -3.52 -39.77 17.08
CA PHE B 17 -4.97 -39.64 17.15
C PHE B 17 -5.60 -40.78 17.90
N ALA B 18 -6.49 -40.41 18.79
CA ALA B 18 -6.94 -41.25 19.86
C ALA B 18 -7.93 -42.26 19.41
N ASN B 19 -9.18 -41.83 19.33
CA ASN B 19 -10.26 -42.72 19.00
C ASN B 19 -11.23 -41.94 18.16
N PRO B 20 -11.27 -42.36 16.83
CA PRO B 20 -12.07 -41.47 15.99
C PRO B 20 -13.47 -41.96 15.98
N LEU B 21 -14.27 -41.25 16.74
CA LEU B 21 -15.65 -41.57 16.84
C LEU B 21 -16.48 -41.59 15.60
N PRO B 22 -17.54 -42.31 15.81
CA PRO B 22 -18.68 -42.46 14.94
C PRO B 22 -19.53 -41.20 15.01
N GLY B 23 -19.74 -40.51 13.89
CA GLY B 23 -19.22 -40.91 12.60
C GLY B 23 -18.45 -39.79 11.95
N VAL B 24 -17.23 -39.57 12.42
CA VAL B 24 -16.37 -38.55 11.89
C VAL B 24 -15.59 -39.07 10.72
N LYS B 25 -15.54 -38.29 9.67
CA LYS B 25 -14.72 -38.62 8.54
C LYS B 25 -13.43 -37.97 8.89
N ILE B 26 -12.33 -38.60 8.57
CA ILE B 26 -11.06 -37.96 8.72
C ILE B 26 -10.65 -37.67 7.32
N THR B 27 -10.50 -36.41 7.01
CA THR B 27 -10.22 -35.97 5.66
C THR B 27 -8.73 -35.81 5.39
N GLN B 28 -8.01 -35.30 6.38
CA GLN B 28 -6.65 -34.82 6.13
C GLN B 28 -5.73 -34.89 7.34
N VAL B 29 -4.43 -35.06 7.09
CA VAL B 29 -3.41 -34.95 8.12
C VAL B 29 -2.37 -33.94 7.70
N THR B 30 -2.05 -32.99 8.57
CA THR B 30 -1.00 -32.02 8.28
C THR B 30 0.03 -32.02 9.40
N TRP B 31 1.30 -32.17 9.02
CA TRP B 31 2.38 -32.07 9.98
C TRP B 31 2.85 -30.63 10.07
N GLN B 32 3.10 -30.14 11.25
CA GLN B 32 3.43 -28.75 11.44
C GLN B 32 4.49 -28.58 12.47
N LYS B 33 5.41 -27.67 12.27
CA LYS B 33 6.38 -27.31 13.30
C LYS B 33 6.12 -25.92 13.87
N ALA B 34 6.17 -25.82 15.19
CA ALA B 34 6.05 -24.55 15.87
C ALA B 34 7.42 -23.89 15.99
N THR B 35 7.59 -22.78 15.31
CA THR B 35 8.88 -22.17 15.22
C THR B 35 8.69 -20.72 15.09
N ASN B 36 9.48 -19.95 15.79
CA ASN B 36 9.56 -18.53 15.52
C ASN B 36 8.36 -17.82 16.00
N GLY B 37 7.30 -18.54 16.29
CA GLY B 37 6.12 -17.86 16.74
C GLY B 37 4.85 -18.46 16.27
N SER B 38 4.90 -19.20 15.20
CA SER B 38 3.72 -19.88 14.72
C SER B 38 4.05 -21.21 14.09
N LYS B 39 3.21 -21.64 13.17
CA LYS B 39 3.45 -22.86 12.50
C LYS B 39 3.78 -22.58 11.11
N GLN B 40 4.37 -23.57 10.49
CA GLN B 40 4.48 -23.69 9.09
C GLN B 40 4.26 -25.15 8.91
N ASN B 41 3.83 -25.54 7.74
CA ASN B 41 3.53 -26.91 7.50
C ASN B 41 4.68 -27.67 6.94
N VAL B 42 4.83 -28.89 7.38
CA VAL B 42 5.88 -29.75 6.94
C VAL B 42 5.43 -30.71 5.89
N ALA B 43 4.30 -31.36 6.08
CA ALA B 43 3.78 -32.27 5.08
C ALA B 43 2.32 -32.52 5.27
N ILE B 44 1.65 -32.88 4.21
CA ILE B 44 0.23 -33.06 4.23
C ILE B 44 -0.16 -34.31 3.48
N TYR B 45 -1.12 -35.07 4.02
CA TYR B 45 -1.65 -36.21 3.29
C TYR B 45 -3.15 -36.17 3.18
N ASN B 46 -3.65 -36.43 1.98
CA ASN B 46 -5.08 -36.50 1.75
C ASN B 46 -5.43 -37.48 0.66
N PRO B 47 -6.04 -38.58 1.02
CA PRO B 47 -6.45 -39.62 0.07
C PRO B 47 -7.09 -39.04 -1.19
N ALA B 48 -7.67 -37.86 -1.05
CA ALA B 48 -8.28 -37.14 -2.16
C ALA B 48 -7.25 -36.79 -3.24
N MET B 49 -6.15 -36.15 -2.84
CA MET B 49 -5.12 -35.76 -3.81
C MET B 49 -3.71 -36.25 -3.48
N GLY B 50 -3.56 -37.00 -2.39
CA GLY B 50 -2.28 -37.64 -2.10
C GLY B 50 -1.38 -36.94 -1.10
N VAL B 51 -0.11 -36.78 -1.47
CA VAL B 51 0.92 -36.33 -0.54
C VAL B 51 1.68 -35.12 -1.04
N SER B 52 1.91 -34.17 -0.14
CA SER B 52 2.73 -33.00 -0.45
C SER B 52 3.70 -32.71 0.69
N VAL B 53 4.96 -32.46 0.34
CA VAL B 53 5.98 -32.13 1.32
C VAL B 53 6.54 -30.76 1.01
N LEU B 54 6.72 -29.94 2.03
CA LEU B 54 7.02 -28.52 1.81
C LEU B 54 8.46 -28.16 2.11
N ALA B 55 8.96 -27.13 1.43
CA ALA B 55 10.30 -26.63 1.72
C ALA B 55 10.27 -26.10 3.15
N PRO B 56 11.39 -26.25 3.89
CA PRO B 56 12.68 -26.77 3.44
C PRO B 56 12.84 -28.27 3.63
N TYR B 57 11.73 -29.00 3.76
CA TYR B 57 11.77 -30.42 4.10
C TYR B 57 11.70 -31.33 2.89
N ARG B 58 11.78 -30.76 1.71
CA ARG B 58 11.49 -31.50 0.51
C ARG B 58 12.33 -32.74 0.29
N GLU B 59 13.46 -32.83 0.94
CA GLU B 59 14.35 -33.95 0.73
C GLU B 59 14.67 -34.74 2.01
N ARG B 60 13.95 -34.47 3.09
CA ARG B 60 14.22 -35.11 4.37
C ARG B 60 12.97 -35.77 4.94
N VAL B 61 11.81 -35.33 4.48
CA VAL B 61 10.56 -35.82 5.02
C VAL B 61 9.82 -36.65 3.97
N GLU B 62 9.29 -37.78 4.41
CA GLU B 62 8.57 -38.71 3.56
C GLU B 62 7.54 -39.44 4.42
N PHE B 63 6.36 -39.68 3.87
CA PHE B 63 5.38 -40.49 4.59
C PHE B 63 5.82 -41.95 4.54
N LEU B 64 5.45 -42.73 5.55
CA LEU B 64 5.74 -44.15 5.50
C LEU B 64 4.62 -44.85 4.73
N ARG B 65 3.59 -45.18 5.46
CA ARG B 65 2.36 -45.58 4.83
C ARG B 65 1.46 -44.39 5.03
N PRO B 66 0.90 -43.92 3.93
CA PRO B 66 -0.04 -42.80 3.98
C PRO B 66 -1.39 -43.20 4.59
N SER B 67 -1.65 -42.80 5.84
CA SER B 67 -2.94 -43.08 6.48
C SER B 67 -3.12 -42.33 7.79
N PHE B 68 -4.33 -42.36 8.33
CA PHE B 68 -4.65 -41.68 9.59
C PHE B 68 -4.53 -42.65 10.74
N THR B 69 -4.69 -43.93 10.41
CA THR B 69 -4.38 -45.03 11.31
C THR B 69 -2.87 -45.00 11.48
N ASP B 70 -2.15 -44.27 10.64
CA ASP B 70 -0.74 -44.01 10.91
C ASP B 70 -0.31 -42.58 11.14
N GLY B 71 -0.22 -41.80 10.08
CA GLY B 71 0.13 -40.39 10.20
C GLY B 71 1.61 -40.18 10.42
N THR B 72 2.37 -41.13 9.91
CA THR B 72 3.71 -41.36 10.40
C THR B 72 4.72 -41.03 9.34
N ILE B 73 5.61 -40.12 9.66
CA ILE B 73 6.58 -39.70 8.65
C ILE B 73 7.99 -40.07 9.11
N ARG B 74 8.96 -39.82 8.26
CA ARG B 74 10.34 -40.04 8.62
C ARG B 74 11.14 -38.77 8.44
N LEU B 75 11.80 -38.28 9.48
CA LEU B 75 12.71 -37.16 9.36
C LEU B 75 14.11 -37.75 9.17
N SER B 76 14.87 -37.25 8.20
CA SER B 76 16.20 -37.80 7.95
C SER B 76 17.33 -36.81 8.18
N ARG B 77 18.41 -37.31 8.75
CA ARG B 77 19.58 -36.52 8.94
C ARG B 77 19.37 -35.37 9.86
N LEU B 78 19.00 -35.69 11.06
CA LEU B 78 18.59 -34.67 12.03
C LEU B 78 19.58 -33.54 12.21
N GLU B 79 19.08 -32.41 12.68
CA GLU B 79 19.86 -31.19 12.81
C GLU B 79 19.40 -30.40 14.01
N LEU B 80 20.30 -29.71 14.68
CA LEU B 80 19.98 -28.98 15.92
C LEU B 80 18.68 -28.19 15.83
N GLU B 81 18.43 -27.71 14.64
CA GLU B 81 17.36 -26.81 14.37
C GLU B 81 16.01 -27.49 14.34
N ASP B 82 16.03 -28.81 14.33
CA ASP B 82 14.82 -29.63 14.28
C ASP B 82 14.17 -29.81 15.64
N GLU B 83 14.90 -29.57 16.70
CA GLU B 83 14.35 -29.66 18.01
C GLU B 83 13.16 -28.78 18.09
N GLY B 84 12.15 -29.18 18.85
CA GLY B 84 10.96 -28.37 19.05
C GLY B 84 9.65 -29.12 18.99
N VAL B 85 8.55 -28.37 19.01
CA VAL B 85 7.22 -28.94 19.01
C VAL B 85 6.74 -29.25 17.59
N TYR B 86 6.22 -30.46 17.39
CA TYR B 86 5.64 -30.83 16.11
C TYR B 86 4.15 -31.09 16.31
N ILE B 87 3.31 -30.40 15.54
CA ILE B 87 1.87 -30.56 15.69
C ILE B 87 1.33 -31.49 14.61
N CYS B 88 0.43 -32.39 15.00
CA CYS B 88 -0.24 -33.24 14.05
C CYS B 88 -1.68 -32.81 13.93
N GLU B 89 -2.02 -32.11 12.85
CA GLU B 89 -3.37 -31.58 12.70
C GLU B 89 -4.25 -32.43 11.80
N PHE B 90 -5.43 -32.77 12.31
CA PHE B 90 -6.39 -33.60 11.58
C PHE B 90 -7.63 -32.80 11.17
N ALA B 91 -7.97 -32.82 9.90
CA ALA B 91 -9.21 -32.20 9.44
C ALA B 91 -10.35 -33.21 9.50
N THR B 92 -11.18 -33.13 10.54
CA THR B 92 -12.30 -34.06 10.67
C THR B 92 -13.64 -33.38 10.39
N PHE B 93 -14.62 -34.19 9.99
CA PHE B 93 -15.98 -33.72 9.75
C PHE B 93 -16.94 -34.51 10.62
N PRO B 94 -17.86 -33.82 11.30
CA PRO B 94 -18.04 -32.37 11.27
C PRO B 94 -17.35 -31.66 12.44
N ALA B 95 -16.42 -32.34 13.10
CA ALA B 95 -15.81 -31.85 14.33
C ALA B 95 -14.77 -30.75 14.12
N GLY B 96 -14.26 -30.65 12.90
CA GLY B 96 -13.27 -29.63 12.57
C GLY B 96 -11.83 -30.07 12.81
N ASN B 97 -10.93 -29.10 12.95
CA ASN B 97 -9.53 -29.40 13.19
C ASN B 97 -9.27 -29.93 14.59
N ARG B 98 -8.60 -31.07 14.63
CA ARG B 98 -8.19 -31.76 15.83
C ARG B 98 -6.70 -32.00 15.77
N GLU B 99 -5.95 -31.62 16.80
CA GLU B 99 -4.50 -31.77 16.71
C GLU B 99 -3.84 -32.52 17.84
N SER B 100 -2.64 -33.00 17.63
CA SER B 100 -1.82 -33.53 18.70
C SER B 100 -0.41 -33.00 18.60
N GLN B 101 0.38 -33.18 19.63
CA GLN B 101 1.67 -32.56 19.68
C GLN B 101 2.76 -33.41 20.25
N LEU B 102 3.97 -33.20 19.80
CA LEU B 102 5.11 -33.87 20.36
C LEU B 102 6.36 -33.00 20.43
N ASN B 103 7.12 -33.12 21.50
CA ASN B 103 8.39 -32.45 21.58
C ASN B 103 9.49 -33.35 21.15
N LEU B 104 10.31 -32.87 20.25
CA LEU B 104 11.49 -33.56 19.78
C LEU B 104 12.71 -33.01 20.42
N THR B 105 13.59 -33.89 20.87
CA THR B 105 14.86 -33.46 21.37
C THR B 105 15.91 -34.10 20.52
N VAL B 106 16.85 -33.29 20.07
CA VAL B 106 17.95 -33.73 19.25
C VAL B 106 19.21 -33.66 20.07
N MET B 107 19.88 -34.78 20.21
CA MET B 107 21.07 -34.87 21.04
C MET B 107 22.31 -35.26 20.24
N PRO C 26 1.82 8.86 13.22
CA PRO C 26 3.05 9.58 12.91
C PRO C 26 2.94 10.99 13.36
N THR C 27 3.90 11.42 14.15
CA THR C 27 3.98 12.72 14.74
C THR C 27 4.44 13.69 13.69
N PHE C 28 4.10 14.95 13.85
CA PHE C 28 4.63 15.96 12.97
C PHE C 28 6.04 16.30 13.38
N PRO C 29 7.01 16.00 12.42
CA PRO C 29 8.37 16.35 12.84
C PRO C 29 8.51 17.81 13.16
N PRO C 30 9.41 18.14 14.18
CA PRO C 30 9.55 19.58 14.37
C PRO C 30 10.73 20.12 13.57
N PRO C 31 10.96 21.41 13.57
CA PRO C 31 12.14 21.94 12.89
C PRO C 31 13.39 21.74 13.69
N ALA C 32 14.44 21.27 13.06
CA ALA C 32 15.65 20.94 13.81
C ALA C 32 16.17 22.16 14.56
N TYR C 33 16.29 23.20 13.78
CA TYR C 33 17.07 24.40 13.97
C TYR C 33 16.16 25.59 13.79
N PRO C 34 16.30 26.63 14.58
CA PRO C 34 15.37 27.76 14.39
C PRO C 34 15.60 28.53 13.08
N TYR C 35 14.54 28.93 12.41
CA TYR C 35 14.68 29.65 11.17
C TYR C 35 13.40 30.36 10.86
N THR C 36 13.45 31.42 10.08
CA THR C 36 12.25 32.16 9.75
C THR C 36 11.71 31.66 8.41
N GLU C 37 10.54 31.04 8.39
CA GLU C 37 9.98 30.45 7.18
C GLU C 37 9.01 31.33 6.46
N SER C 38 9.25 31.53 5.18
CA SER C 38 8.48 32.44 4.39
C SER C 38 8.16 31.83 3.05
N TRP C 39 7.43 32.53 2.22
CA TRP C 39 7.05 32.00 0.93
C TRP C 39 7.97 32.51 -0.12
N GLN C 40 8.49 33.70 0.11
CA GLN C 40 9.35 34.32 -0.83
C GLN C 40 10.51 34.86 -0.08
N LEU C 41 11.60 35.09 -0.77
CA LEU C 41 12.68 35.84 -0.22
C LEU C 41 12.98 36.90 -1.25
N THR C 42 13.95 36.64 -2.10
CA THR C 42 14.39 37.63 -3.06
C THR C 42 14.03 37.23 -4.44
N LEU C 43 13.70 35.98 -4.63
CA LEU C 43 13.39 35.49 -5.95
C LEU C 43 11.91 35.25 -6.13
N THR C 44 11.35 35.80 -7.17
CA THR C 44 9.95 35.62 -7.45
C THR C 44 9.77 34.89 -8.74
N THR C 45 10.86 34.44 -9.33
CA THR C 45 10.85 33.74 -10.59
C THR C 45 11.74 32.54 -10.49
N VAL C 46 11.53 31.57 -11.32
CA VAL C 46 12.38 30.39 -11.32
C VAL C 46 13.59 30.70 -12.12
N PRO C 47 14.81 30.52 -11.47
CA PRO C 47 15.97 30.68 -12.36
C PRO C 47 16.18 29.58 -13.36
N SER C 48 16.91 29.91 -14.39
CA SER C 48 17.03 29.14 -15.60
C SER C 48 17.96 28.01 -15.41
N PRO C 49 17.49 26.75 -15.79
CA PRO C 49 18.49 25.69 -15.68
C PRO C 49 19.52 25.76 -16.77
N PHE C 50 19.20 26.52 -17.80
CA PHE C 50 20.05 26.64 -18.94
C PHE C 50 21.12 27.69 -18.72
N VAL C 51 22.07 27.38 -17.88
CA VAL C 51 22.96 28.34 -17.38
C VAL C 51 24.36 27.82 -17.50
N GLY C 52 24.57 26.91 -18.42
CA GLY C 52 25.86 26.28 -18.52
C GLY C 52 25.81 24.79 -18.68
N PRO C 53 27.04 24.16 -18.81
CA PRO C 53 26.94 22.73 -19.09
C PRO C 53 26.85 21.89 -17.84
N ALA C 54 26.28 20.71 -17.97
CA ALA C 54 25.95 19.94 -16.81
C ALA C 54 26.62 18.60 -16.77
N ASP C 55 27.38 18.38 -15.71
CA ASP C 55 27.97 17.09 -15.43
C ASP C 55 26.93 16.01 -15.27
N VAL C 56 27.08 14.91 -15.98
CA VAL C 56 26.11 13.84 -15.94
C VAL C 56 26.41 12.77 -14.93
N TYR C 57 25.37 12.27 -14.31
CA TYR C 57 25.46 11.11 -13.47
C TYR C 57 24.32 10.20 -13.78
N HIS C 58 24.45 8.95 -13.42
CA HIS C 58 23.42 7.97 -13.68
C HIS C 58 23.00 7.35 -12.35
N THR C 59 21.71 7.40 -12.07
CA THR C 59 21.19 6.73 -10.88
C THR C 59 21.38 5.23 -11.06
N ARG C 60 21.62 4.53 -9.96
CA ARG C 60 21.87 3.10 -10.02
C ARG C 60 20.57 2.35 -10.26
N PRO C 61 20.62 1.26 -11.04
CA PRO C 61 19.43 0.50 -11.44
C PRO C 61 18.58 0.06 -10.25
N LEU C 62 17.28 -0.11 -10.49
CA LEU C 62 16.38 -0.58 -9.45
C LEU C 62 16.48 -2.08 -9.28
N GLU C 63 16.52 -2.53 -8.02
CA GLU C 63 16.43 -3.95 -7.72
C GLU C 63 15.10 -4.49 -8.26
N ASP C 64 14.02 -3.79 -7.96
CA ASP C 64 12.69 -4.15 -8.42
C ASP C 64 11.83 -2.89 -8.40
N PRO C 65 10.87 -2.79 -9.34
CA PRO C 65 10.13 -1.55 -9.64
C PRO C 65 9.63 -0.78 -8.42
N CYS C 66 9.37 -1.48 -7.33
CA CYS C 66 8.82 -0.84 -6.14
C CYS C 66 9.92 -0.35 -5.20
N GLY C 67 11.13 -0.24 -5.74
CA GLY C 67 12.25 0.24 -4.95
C GLY C 67 12.30 1.75 -4.90
N VAL C 68 13.46 2.29 -4.54
CA VAL C 68 13.65 3.72 -4.44
C VAL C 68 14.89 4.19 -5.20
N VAL C 69 14.65 5.04 -6.20
CA VAL C 69 15.70 5.63 -7.02
C VAL C 69 16.33 6.82 -6.32
N ALA C 70 17.66 6.85 -6.26
CA ALA C 70 18.35 7.88 -5.51
C ALA C 70 19.13 8.86 -6.41
N LEU C 71 18.48 9.95 -6.78
CA LEU C 71 19.18 11.05 -7.46
C LEU C 71 20.12 11.70 -6.45
N ILE C 72 21.28 11.09 -6.27
CA ILE C 72 22.25 11.54 -5.28
C ILE C 72 23.64 11.66 -5.91
N SER C 73 24.32 12.73 -5.58
CA SER C 73 25.64 12.95 -6.07
C SER C 73 26.15 14.23 -5.54
N ASP C 74 27.35 14.24 -4.99
CA ASP C 74 27.88 15.44 -4.41
C ASP C 74 28.11 16.54 -5.43
N PRO C 75 27.63 17.79 -5.01
CA PRO C 75 27.89 18.86 -5.96
C PRO C 75 29.10 19.66 -5.52
N GLN C 76 29.74 19.20 -4.45
CA GLN C 76 30.93 19.84 -3.97
C GLN C 76 30.69 21.30 -3.79
N VAL C 77 29.60 21.61 -3.14
CA VAL C 77 29.24 22.97 -2.91
C VAL C 77 29.96 23.51 -1.71
N ASP C 78 30.68 22.65 -1.02
CA ASP C 78 31.36 23.04 0.20
C ASP C 78 32.62 23.76 -0.11
N ARG C 79 33.05 23.68 -1.36
CA ARG C 79 34.05 24.57 -1.87
C ARG C 79 33.59 25.97 -1.63
N LEU C 80 32.51 26.35 -2.31
CA LEU C 80 31.97 27.66 -2.20
C LEU C 80 31.68 28.08 -0.79
N LEU C 81 31.53 27.12 0.08
CA LEU C 81 31.22 27.43 1.45
C LEU C 81 32.50 27.68 2.18
N ASN C 82 33.49 26.83 1.95
CA ASN C 82 34.79 26.94 2.57
C ASN C 82 35.58 28.13 2.02
N GLU C 83 35.06 28.74 0.97
CA GLU C 83 35.71 29.89 0.35
C GLU C 83 35.29 31.20 1.02
N ALA C 84 34.02 31.27 1.42
CA ALA C 84 33.50 32.44 2.07
C ALA C 84 33.85 32.48 3.52
N VAL C 85 34.29 31.35 4.05
CA VAL C 85 34.81 31.33 5.38
C VAL C 85 36.09 32.08 5.28
N ALA C 86 36.96 31.60 4.42
CA ALA C 86 38.23 32.23 4.23
C ALA C 86 38.13 33.71 3.97
N HIS C 87 37.18 34.17 3.15
CA HIS C 87 37.07 35.59 2.88
C HIS C 87 36.39 36.24 4.05
N ARG C 88 35.99 35.42 4.98
CA ARG C 88 35.43 35.85 6.26
C ARG C 88 34.11 36.61 6.12
N ARG C 89 33.27 36.14 5.20
CA ARG C 89 31.91 36.62 5.10
C ARG C 89 31.06 35.91 6.12
N PRO C 90 30.30 36.65 6.89
CA PRO C 90 29.54 36.00 7.97
C PRO C 90 28.43 35.08 7.46
N THR C 91 27.88 35.36 6.29
CA THR C 91 26.82 34.53 5.72
C THR C 91 26.97 34.31 4.22
N TYR C 92 26.20 33.34 3.72
CA TYR C 92 26.05 33.14 2.28
C TYR C 92 24.56 33.01 1.95
N ARG C 93 24.23 33.27 0.71
CA ARG C 93 22.88 33.14 0.23
C ARG C 93 22.87 32.01 -0.75
N ALA C 94 21.75 31.38 -0.96
CA ALA C 94 21.71 30.20 -1.80
C ALA C 94 20.30 29.84 -2.22
N HIS C 95 20.19 29.00 -3.25
CA HIS C 95 18.92 28.41 -3.62
C HIS C 95 19.16 27.11 -4.37
N VAL C 96 18.19 26.21 -4.32
CA VAL C 96 18.28 24.93 -4.99
C VAL C 96 17.05 24.74 -5.86
N ALA C 97 17.23 24.16 -7.04
CA ALA C 97 16.10 23.91 -7.94
C ALA C 97 16.30 22.66 -8.78
N TRP C 98 15.21 21.95 -9.07
CA TRP C 98 15.25 20.75 -9.89
C TRP C 98 14.36 20.92 -11.13
N TYR C 99 14.77 20.30 -12.23
CA TYR C 99 14.06 20.43 -13.51
C TYR C 99 14.02 19.08 -14.23
N ARG C 100 13.03 18.90 -15.11
CA ARG C 100 13.07 17.80 -16.07
C ARG C 100 13.37 18.37 -17.44
N ILE C 101 14.38 17.82 -18.11
CA ILE C 101 14.79 18.33 -19.41
C ILE C 101 14.11 17.57 -20.55
N ALA C 102 13.44 18.31 -21.44
CA ALA C 102 12.96 17.75 -22.69
C ALA C 102 13.77 18.38 -23.82
N ASP C 103 13.20 18.41 -25.03
CA ASP C 103 13.93 18.95 -26.16
C ASP C 103 13.86 20.47 -26.16
N GLY C 104 14.96 21.12 -25.80
CA GLY C 104 15.05 22.57 -25.85
C GLY C 104 14.17 23.32 -24.88
N CYS C 105 13.78 22.66 -23.79
CA CYS C 105 12.96 23.29 -22.76
C CYS C 105 12.88 22.41 -21.50
N ALA C 106 12.45 23.00 -20.40
CA ALA C 106 12.54 22.34 -19.10
C ALA C 106 11.21 22.32 -18.35
N HIS C 107 10.93 21.21 -17.66
CA HIS C 107 9.77 21.17 -16.79
C HIS C 107 10.20 21.59 -15.41
N LEU C 108 9.31 22.26 -14.70
CA LEU C 108 9.60 22.64 -13.32
C LEU C 108 9.41 21.43 -12.43
N LEU C 109 10.13 21.39 -11.31
CA LEU C 109 9.97 20.27 -10.38
C LEU C 109 10.14 20.72 -8.94
N TYR C 110 11.18 21.49 -8.67
CA TYR C 110 11.48 21.88 -7.31
C TYR C 110 12.18 23.23 -7.27
N PHE C 111 12.01 23.94 -6.16
CA PHE C 111 12.70 25.19 -5.91
C PHE C 111 12.64 25.56 -4.43
N ILE C 112 13.75 26.09 -3.91
CA ILE C 112 13.77 26.61 -2.55
C ILE C 112 14.93 27.61 -2.43
N GLU C 113 14.79 28.56 -1.53
CA GLU C 113 15.75 29.63 -1.40
C GLU C 113 16.21 29.77 -0.01
N TYR C 114 17.48 30.10 0.15
CA TYR C 114 18.06 30.29 1.48
C TYR C 114 18.66 31.68 1.63
N ALA C 115 18.74 32.15 2.86
CA ALA C 115 19.32 33.45 3.14
C ALA C 115 19.94 33.47 4.54
N ASP C 116 21.02 34.23 4.68
CA ASP C 116 21.75 34.36 5.94
C ASP C 116 22.23 33.02 6.47
N CYS C 117 22.79 32.19 5.59
CA CYS C 117 23.29 30.89 5.99
C CYS C 117 24.70 30.97 6.58
N ASP C 118 24.97 30.16 7.59
CA ASP C 118 26.28 30.13 8.22
C ASP C 118 27.20 29.15 7.49
N PRO C 119 28.29 29.65 6.90
CA PRO C 119 29.22 28.82 6.11
C PRO C 119 30.09 27.87 6.93
N ARG C 120 30.08 28.01 8.25
CA ARG C 120 30.80 27.06 9.10
C ARG C 120 29.95 25.85 9.36
N GLN C 121 28.72 25.89 8.90
CA GLN C 121 27.83 24.78 9.07
C GLN C 121 27.74 24.01 7.77
N VAL C 122 27.15 22.84 7.80
CA VAL C 122 26.92 22.13 6.55
C VAL C 122 25.82 22.87 5.80
N PHE C 123 25.69 22.57 4.50
CA PHE C 123 24.76 23.30 3.63
C PHE C 123 23.34 23.35 4.19
N GLY C 124 22.70 24.51 4.06
CA GLY C 124 21.30 24.62 4.40
C GLY C 124 20.96 25.17 5.76
N ARG C 125 21.93 25.19 6.67
CA ARG C 125 21.68 25.78 7.98
C ARG C 125 21.58 27.30 7.83
N CYS C 126 20.36 27.78 7.64
CA CYS C 126 20.14 29.19 7.36
C CYS C 126 19.04 29.76 8.23
N ARG C 127 19.13 31.06 8.53
CA ARG C 127 18.15 31.68 9.40
C ARG C 127 16.88 32.06 8.65
N ARG C 128 16.98 32.14 7.32
CA ARG C 128 15.82 32.44 6.49
C ARG C 128 15.72 31.46 5.32
N ARG C 129 14.59 30.77 5.24
CA ARG C 129 14.34 29.88 4.11
C ARG C 129 12.87 29.91 3.68
N THR C 130 12.63 29.69 2.40
CA THR C 130 11.28 29.57 1.89
C THR C 130 10.81 28.14 2.04
N THR C 131 9.51 27.93 1.95
CA THR C 131 9.00 26.57 1.84
C THR C 131 9.41 26.02 0.48
N PRO C 132 9.75 24.71 0.44
CA PRO C 132 10.03 24.08 -0.85
C PRO C 132 8.84 24.24 -1.78
N MET C 133 9.09 24.54 -3.01
CA MET C 133 8.05 24.73 -3.97
C MET C 133 8.01 23.57 -4.90
N TRP C 134 6.99 22.76 -4.81
CA TRP C 134 6.96 21.54 -5.59
C TRP C 134 5.99 21.56 -6.77
N TRP C 135 6.32 20.75 -7.78
CA TRP C 135 5.33 20.29 -8.73
C TRP C 135 4.63 19.13 -8.05
N THR C 136 3.41 19.37 -7.57
CA THR C 136 2.78 18.46 -6.59
C THR C 136 2.54 17.02 -7.01
N PRO C 137 2.19 16.75 -8.29
CA PRO C 137 1.99 15.33 -8.60
C PRO C 137 3.20 14.49 -8.24
N SER C 138 4.39 15.08 -8.39
CA SER C 138 5.63 14.41 -8.06
C SER C 138 5.93 14.36 -6.56
N ALA C 139 5.49 15.39 -5.82
CA ALA C 139 5.78 15.45 -4.38
C ALA C 139 5.11 14.29 -3.63
N ASP C 140 4.29 13.54 -4.32
CA ASP C 140 3.57 12.46 -3.75
C ASP C 140 4.44 11.28 -3.49
N TYR C 141 5.51 11.18 -4.26
CA TYR C 141 6.39 10.01 -4.25
C TYR C 141 7.84 10.42 -4.45
N MET C 142 8.08 11.71 -4.49
CA MET C 142 9.41 12.29 -4.53
C MET C 142 9.66 13.26 -3.40
N PHE C 143 10.85 13.30 -2.84
CA PHE C 143 11.13 14.19 -1.73
C PHE C 143 12.65 14.30 -1.49
N PRO C 144 13.11 15.44 -0.94
CA PRO C 144 14.54 15.71 -0.81
C PRO C 144 15.23 14.73 0.16
N THR C 145 16.54 14.56 0.03
CA THR C 145 17.30 13.75 0.98
C THR C 145 17.55 14.55 2.25
N GLU C 146 18.24 13.96 3.18
CA GLU C 146 18.50 14.65 4.41
C GLU C 146 19.42 15.84 4.23
N ASP C 147 20.35 15.78 3.29
CA ASP C 147 21.26 16.89 3.04
C ASP C 147 20.67 17.94 2.10
N GLU C 148 19.39 17.74 1.73
CA GLU C 148 18.67 18.69 0.88
C GLU C 148 19.25 18.83 -0.55
N LEU C 149 20.34 18.12 -0.83
CA LEU C 149 21.02 18.23 -2.13
C LEU C 149 20.69 17.06 -3.05
N GLY C 150 19.85 16.15 -2.58
CA GLY C 150 19.49 15.00 -3.39
C GLY C 150 17.99 14.80 -3.39
N LEU C 151 17.50 14.05 -4.36
CA LEU C 151 16.10 13.68 -4.38
C LEU C 151 15.98 12.18 -4.30
N LEU C 152 14.91 11.73 -3.64
CA LEU C 152 14.57 10.32 -3.63
C LEU C 152 13.24 10.12 -4.34
N MET C 153 13.24 9.21 -5.29
CA MET C 153 12.07 8.92 -6.13
C MET C 153 11.48 7.57 -5.76
N VAL C 154 10.42 7.60 -4.97
CA VAL C 154 9.90 6.38 -4.36
C VAL C 154 8.94 5.67 -5.28
N ALA C 155 9.26 4.44 -5.64
CA ALA C 155 8.40 3.56 -6.45
C ALA C 155 7.84 4.28 -7.67
N PRO C 156 8.71 4.62 -8.61
CA PRO C 156 8.27 5.43 -9.76
C PRO C 156 7.57 4.60 -10.82
N GLY C 157 6.68 5.22 -11.58
CA GLY C 157 6.15 4.60 -12.79
C GLY C 157 7.18 4.81 -13.88
N ARG C 158 7.03 4.12 -15.01
CA ARG C 158 8.03 4.21 -16.07
C ARG C 158 8.06 5.59 -16.71
N PHE C 159 7.02 6.38 -16.50
CA PHE C 159 6.97 7.72 -17.05
C PHE C 159 8.03 8.63 -16.43
N ASN C 160 8.55 8.23 -15.26
CA ASN C 160 9.55 9.02 -14.55
C ASN C 160 10.92 9.00 -15.20
N GLU C 161 11.10 8.13 -16.20
CA GLU C 161 12.34 8.08 -16.95
C GLU C 161 12.66 9.42 -17.59
N GLY C 162 13.94 9.78 -17.57
CA GLY C 162 14.38 10.97 -18.26
C GLY C 162 15.55 11.68 -17.60
N GLN C 163 15.77 12.91 -18.03
CA GLN C 163 16.91 13.68 -17.57
C GLN C 163 16.51 14.69 -16.50
N TYR C 164 17.08 14.54 -15.32
CA TYR C 164 16.76 15.41 -14.20
C TYR C 164 17.93 16.34 -13.90
N ARG C 165 17.67 17.64 -13.93
CA ARG C 165 18.74 18.61 -13.70
C ARG C 165 18.67 19.23 -12.31
N ARG C 166 19.80 19.36 -11.67
CA ARG C 166 19.88 19.98 -10.40
C ARG C 166 20.68 21.27 -10.43
N LEU C 167 20.07 22.35 -9.97
CA LEU C 167 20.76 23.63 -9.86
C LEU C 167 21.02 23.92 -8.40
N VAL C 168 22.30 23.92 -8.02
CA VAL C 168 22.68 24.41 -6.71
C VAL C 168 23.41 25.72 -6.93
N SER C 169 23.00 26.74 -6.20
CA SER C 169 23.58 28.06 -6.40
C SER C 169 23.96 28.68 -5.07
N VAL C 170 25.17 29.23 -5.01
CA VAL C 170 25.63 29.92 -3.81
C VAL C 170 26.26 31.26 -4.20
N ASP C 171 25.78 32.32 -3.60
CA ASP C 171 26.30 33.67 -3.85
C ASP C 171 26.48 33.96 -5.34
N GLY C 172 25.43 33.66 -6.11
CA GLY C 172 25.43 33.95 -7.54
C GLY C 172 26.23 32.96 -8.36
N VAL C 173 26.70 31.88 -7.74
CA VAL C 173 27.50 30.88 -8.45
C VAL C 173 26.72 29.57 -8.62
N ASN C 174 26.64 29.09 -9.86
CA ASN C 174 25.77 27.95 -10.18
C ASN C 174 26.49 26.64 -10.45
N ILE C 175 26.08 25.58 -9.76
CA ILE C 175 26.57 24.23 -10.03
C ILE C 175 25.45 23.39 -10.66
N LEU C 176 25.65 22.96 -11.91
CA LEU C 176 24.65 22.15 -12.61
C LEU C 176 25.04 20.68 -12.67
N THR C 177 24.05 19.82 -12.44
CA THR C 177 24.25 18.37 -12.46
C THR C 177 23.10 17.69 -13.17
N ASP C 178 23.39 16.83 -14.14
CA ASP C 178 22.32 16.09 -14.80
C ASP C 178 22.28 14.65 -14.31
N PHE C 179 21.08 14.18 -13.95
CA PHE C 179 20.87 12.79 -13.54
C PHE C 179 20.01 12.07 -14.56
N MET C 180 20.57 11.07 -15.22
CA MET C 180 19.76 10.22 -16.08
C MET C 180 19.12 9.14 -15.23
N VAL C 181 17.80 8.96 -15.36
CA VAL C 181 17.11 7.93 -14.60
C VAL C 181 16.57 6.84 -15.51
N ALA C 182 17.19 5.67 -15.45
CA ALA C 182 16.70 4.50 -16.16
C ALA C 182 15.96 3.55 -15.20
N LEU C 183 14.74 3.20 -15.59
CA LEU C 183 13.92 2.25 -14.83
C LEU C 183 13.81 0.95 -15.59
N PRO C 184 13.77 -0.19 -14.86
CA PRO C 184 13.86 -1.53 -15.45
C PRO C 184 12.72 -1.86 -16.39
N GLU C 185 12.84 -2.90 -17.17
CA GLU C 185 11.77 -3.31 -17.98
C GLU C 185 11.32 -4.50 -17.16
N GLY C 186 10.02 -4.66 -16.89
CA GLY C 186 9.00 -3.84 -17.48
C GLY C 186 7.64 -4.17 -16.96
N GLN C 187 7.52 -4.41 -15.68
CA GLN C 187 6.21 -4.44 -15.07
C GLN C 187 6.38 -3.35 -14.12
N GLU C 188 5.53 -2.35 -14.11
CA GLU C 188 5.89 -1.29 -13.21
C GLU C 188 5.48 -1.73 -11.86
N CYS C 189 5.74 -0.91 -10.87
CA CYS C 189 5.33 -1.22 -9.50
C CYS C 189 3.82 -1.05 -9.34
N PRO C 190 3.14 -2.12 -8.90
CA PRO C 190 1.67 -2.22 -8.84
C PRO C 190 0.96 -1.09 -8.12
N PHE C 191 1.62 -0.38 -7.21
CA PHE C 191 0.96 0.71 -6.48
C PHE C 191 1.54 2.08 -6.83
N ALA C 192 2.31 2.15 -7.91
CA ALA C 192 2.96 3.39 -8.31
C ALA C 192 1.93 4.45 -8.65
N ARG C 193 2.28 5.67 -8.34
CA ARG C 193 1.50 6.83 -8.64
C ARG C 193 1.43 7.13 -10.13
N VAL C 194 0.32 6.85 -10.77
CA VAL C 194 0.26 7.09 -12.21
C VAL C 194 -0.97 7.90 -12.61
N ASP C 195 -1.83 8.17 -11.63
CA ASP C 195 -3.12 8.80 -11.92
C ASP C 195 -2.97 10.28 -12.29
N GLN C 196 -2.31 11.06 -11.43
CA GLN C 196 -2.13 12.49 -11.68
C GLN C 196 -1.38 12.76 -12.97
N HIS C 197 -0.52 11.83 -13.35
CA HIS C 197 0.34 11.99 -14.52
C HIS C 197 -0.45 12.02 -15.81
N ARG C 198 -1.40 11.11 -15.96
CA ARG C 198 -2.29 11.10 -17.11
C ARG C 198 -2.89 12.49 -17.32
N THR C 199 -3.33 13.07 -16.21
CA THR C 199 -4.10 14.31 -16.21
C THR C 199 -3.29 15.57 -16.49
N TYR C 200 -2.16 15.73 -15.80
CA TYR C 200 -1.39 16.97 -15.89
C TYR C 200 0.03 16.76 -16.41
N LYS C 201 0.47 15.50 -16.46
CA LYS C 201 1.82 15.14 -16.88
C LYS C 201 2.89 15.91 -16.12
N PHE C 202 3.88 16.44 -16.82
CA PHE C 202 5.03 17.03 -16.16
C PHE C 202 4.87 18.52 -15.95
N GLY C 203 3.80 19.08 -16.50
CA GLY C 203 3.57 20.50 -16.45
C GLY C 203 4.15 21.19 -17.66
N ALA C 204 4.01 22.52 -17.70
CA ALA C 204 4.51 23.34 -18.79
C ALA C 204 5.99 23.07 -19.08
N CYS C 205 6.42 23.18 -20.30
CA CYS C 205 7.82 23.02 -20.66
C CYS C 205 8.36 24.37 -21.08
N TRP C 206 9.36 24.89 -20.42
CA TRP C 206 9.82 26.23 -20.68
C TRP C 206 11.16 26.37 -21.37
N SER C 207 11.36 27.45 -22.10
CA SER C 207 12.61 27.66 -22.78
C SER C 207 13.40 28.72 -22.07
N ASP C 208 14.69 28.83 -22.35
CA ASP C 208 15.52 29.79 -21.70
C ASP C 208 14.90 31.14 -21.87
N ASP C 209 14.24 31.31 -23.00
CA ASP C 209 13.56 32.55 -23.32
C ASP C 209 12.49 32.84 -22.26
N SER C 210 11.67 31.85 -21.98
CA SER C 210 10.61 31.96 -20.98
C SER C 210 11.14 32.22 -19.57
N PHE C 211 12.27 31.63 -19.24
CA PHE C 211 12.85 31.85 -17.93
C PHE C 211 13.31 33.30 -17.76
N LYS C 212 13.82 33.89 -18.85
CA LYS C 212 14.28 35.27 -18.82
C LYS C 212 13.12 36.25 -18.73
N ARG C 213 12.02 35.96 -19.40
CA ARG C 213 10.84 36.77 -19.24
C ARG C 213 10.30 36.66 -17.86
N GLY C 214 10.29 35.46 -17.33
CA GLY C 214 9.84 35.28 -15.96
C GLY C 214 8.75 34.25 -15.74
N VAL C 215 9.17 33.05 -15.37
CA VAL C 215 8.26 31.99 -14.96
C VAL C 215 8.03 32.08 -13.46
N ASP C 216 6.96 32.79 -13.06
CA ASP C 216 6.62 33.00 -11.65
C ASP C 216 6.67 31.69 -10.84
N VAL C 217 7.32 31.77 -9.68
CA VAL C 217 7.49 30.60 -8.83
C VAL C 217 6.16 30.01 -8.38
N MET C 218 5.41 30.77 -7.59
CA MET C 218 4.20 30.25 -6.96
C MET C 218 3.01 30.12 -7.91
N ARG C 219 3.16 30.59 -9.14
CA ARG C 219 2.10 30.40 -10.13
C ARG C 219 2.12 28.96 -10.65
N PHE C 220 3.33 28.40 -10.78
CA PHE C 220 3.50 27.09 -11.40
C PHE C 220 3.99 26.03 -10.42
N LEU C 221 4.61 26.47 -9.33
CA LEU C 221 5.00 25.55 -8.25
C LEU C 221 4.16 25.86 -7.01
N THR C 222 4.04 24.89 -6.12
CA THR C 222 3.14 25.01 -4.97
C THR C 222 3.88 24.75 -3.67
N PRO C 223 3.73 25.65 -2.68
CA PRO C 223 4.41 25.47 -1.39
C PRO C 223 4.07 24.14 -0.74
N PHE C 224 5.05 23.48 -0.12
CA PHE C 224 4.83 22.19 0.50
C PHE C 224 5.62 22.04 1.82
N TYR C 225 5.67 20.83 2.36
CA TYR C 225 6.37 20.61 3.62
C TYR C 225 7.88 20.62 3.42
N GLN C 226 8.59 21.02 4.47
CA GLN C 226 10.05 20.94 4.50
C GLN C 226 10.46 19.47 4.41
N GLN C 227 11.75 19.20 4.25
CA GLN C 227 12.21 17.84 4.04
C GLN C 227 11.75 16.84 5.13
N PRO C 228 11.90 17.19 6.42
CA PRO C 228 11.53 16.17 7.40
C PRO C 228 10.06 15.73 7.33
N PRO C 229 9.08 16.68 7.44
CA PRO C 229 7.72 16.12 7.40
C PRO C 229 7.31 15.65 6.01
N HIS C 230 7.96 16.16 4.96
CA HIS C 230 7.71 15.68 3.60
C HIS C 230 8.09 14.21 3.52
N ARG C 231 9.15 13.83 4.17
CA ARG C 231 9.59 12.44 4.18
C ARG C 231 8.69 11.53 4.96
N GLU C 232 8.12 12.02 6.04
CA GLU C 232 7.17 11.26 6.80
C GLU C 232 5.87 11.07 6.10
N VAL C 233 5.53 11.97 5.21
CA VAL C 233 4.34 11.78 4.38
C VAL C 233 4.57 10.66 3.37
N VAL C 234 5.60 10.79 2.54
CA VAL C 234 5.91 9.76 1.54
C VAL C 234 6.18 8.41 2.23
N ASN C 235 6.77 8.45 3.43
CA ASN C 235 6.99 7.24 4.20
C ASN C 235 5.68 6.58 4.58
N TYR C 236 4.72 7.39 5.00
CA TYR C 236 3.43 6.89 5.43
C TYR C 236 2.71 6.18 4.28
N TRP C 237 2.83 6.74 3.08
CA TRP C 237 2.25 6.12 1.90
C TRP C 237 2.96 4.80 1.55
N TYR C 238 4.29 4.78 1.52
CA TYR C 238 5.08 3.60 1.23
C TYR C 238 5.19 2.51 2.26
N ARG C 239 5.15 2.92 3.52
CA ARG C 239 5.02 2.01 4.65
C ARG C 239 3.66 1.34 4.65
N LYS C 240 2.81 1.74 3.70
CA LYS C 240 1.45 1.24 3.63
C LYS C 240 1.32 0.13 2.57
N ASN C 241 2.05 0.28 1.48
CA ASN C 241 2.02 -0.65 0.46
C ASN C 241 3.08 -1.65 0.87
N GLY C 242 3.45 -1.66 2.15
CA GLY C 242 4.19 -2.84 2.57
C GLY C 242 5.69 -2.73 2.47
N ARG C 243 6.17 -1.61 1.91
CA ARG C 243 7.59 -1.41 1.74
C ARG C 243 8.16 -0.49 2.82
N THR C 244 9.48 -0.40 2.88
CA THR C 244 10.13 0.49 3.82
C THR C 244 11.28 1.24 3.16
N LEU C 245 11.39 2.52 3.45
CA LEU C 245 12.51 3.32 3.00
C LEU C 245 13.82 2.75 3.50
N PRO C 246 14.76 2.47 2.56
CA PRO C 246 16.10 2.00 2.90
C PRO C 246 16.83 2.94 3.86
N ARG C 247 17.72 2.39 4.66
CA ARG C 247 18.46 3.17 5.64
C ARG C 247 19.56 3.99 4.96
N ALA C 248 20.03 3.52 3.81
CA ALA C 248 21.03 4.26 3.05
C ALA C 248 20.85 4.06 1.55
N TYR C 249 21.38 4.99 0.77
CA TYR C 249 21.18 5.01 -0.67
C TYR C 249 22.51 5.12 -1.39
N ALA C 250 22.69 4.30 -2.43
CA ALA C 250 23.91 4.34 -3.21
C ALA C 250 23.88 5.52 -4.18
N ALA C 251 24.91 6.36 -4.12
CA ALA C 251 25.00 7.56 -4.96
C ALA C 251 25.05 7.20 -6.44
N ALA C 252 24.77 8.19 -7.28
CA ALA C 252 24.80 8.00 -8.73
C ALA C 252 26.25 7.93 -9.23
N THR C 253 26.43 7.29 -10.37
CA THR C 253 27.75 7.08 -10.95
C THR C 253 27.91 7.82 -12.27
N PRO C 254 29.12 8.33 -12.55
CA PRO C 254 29.39 9.06 -13.80
C PRO C 254 29.37 8.18 -15.05
N TYR C 255 28.92 6.94 -14.89
CA TYR C 255 28.87 5.96 -15.98
C TYR C 255 27.60 5.12 -15.87
N ALA C 256 27.19 4.49 -16.96
CA ALA C 256 26.01 3.63 -16.94
C ALA C 256 26.36 2.19 -16.58
N ILE C 257 25.43 1.49 -15.96
CA ILE C 257 25.65 0.10 -15.54
C ILE C 257 24.76 -0.85 -16.37
N ASP C 258 25.17 -2.12 -16.46
CA ASP C 258 24.48 -3.17 -17.22
C ASP C 258 24.58 -2.92 -18.73
N ASP D 1 -18.36 18.44 -8.78
CA ASP D 1 -19.14 19.65 -8.46
C ASP D 1 -19.30 20.55 -9.67
N SER D 2 -20.46 21.18 -9.82
CA SER D 2 -20.67 22.04 -10.96
C SER D 2 -21.26 23.38 -10.56
N MET D 3 -20.76 24.42 -11.20
CA MET D 3 -21.17 25.77 -10.94
C MET D 3 -21.50 26.52 -12.20
N TYR D 4 -22.36 27.51 -12.09
CA TYR D 4 -22.73 28.34 -13.22
C TYR D 4 -22.51 29.80 -12.89
N GLY D 5 -21.97 30.54 -13.86
CA GLY D 5 -21.74 31.95 -13.71
C GLY D 5 -21.96 32.66 -15.03
N PHE D 6 -22.34 33.92 -14.97
CA PHE D 6 -22.59 34.70 -16.18
C PHE D 6 -21.44 35.65 -16.49
N ILE D 7 -21.17 35.82 -17.78
CA ILE D 7 -20.15 36.75 -18.24
C ILE D 7 -20.35 38.14 -17.64
N GLY D 8 -19.27 38.71 -17.13
CA GLY D 8 -19.31 40.06 -16.58
C GLY D 8 -19.63 40.11 -15.09
N THR D 9 -20.23 39.05 -14.57
CA THR D 9 -20.60 39.01 -13.16
C THR D 9 -19.48 38.43 -12.29
N ASP D 10 -19.79 38.24 -11.01
CA ASP D 10 -18.84 37.72 -10.06
C ASP D 10 -19.34 36.39 -9.48
N VAL D 11 -18.50 35.38 -9.49
CA VAL D 11 -18.87 34.11 -8.86
C VAL D 11 -17.96 33.84 -7.69
N VAL D 12 -18.51 33.15 -6.69
CA VAL D 12 -17.74 32.80 -5.52
C VAL D 12 -17.42 31.31 -5.55
N LEU D 13 -16.13 31.00 -5.55
CA LEU D 13 -15.67 29.62 -5.58
C LEU D 13 -15.44 29.12 -4.16
N HIS D 14 -16.08 28.02 -3.81
CA HIS D 14 -16.00 27.51 -2.46
C HIS D 14 -15.11 26.32 -2.33
N CYS D 15 -14.45 26.20 -1.18
CA CYS D 15 -13.50 25.11 -0.99
C CYS D 15 -13.64 24.47 0.39
N SER D 16 -14.25 23.29 0.37
CA SER D 16 -14.97 22.75 1.52
C SER D 16 -14.51 21.36 1.96
N PHE D 17 -13.35 21.36 2.58
CA PHE D 17 -12.77 20.20 3.24
C PHE D 17 -13.78 19.43 4.06
N ALA D 18 -13.76 18.13 3.87
CA ALA D 18 -14.83 17.27 4.23
C ALA D 18 -14.85 16.97 5.69
N ASN D 19 -14.04 16.02 6.09
CA ASN D 19 -14.02 15.55 7.45
C ASN D 19 -12.60 15.20 7.77
N PRO D 20 -12.02 16.09 8.69
CA PRO D 20 -10.58 15.86 8.84
C PRO D 20 -10.37 14.89 9.95
N LEU D 21 -10.07 13.68 9.54
CA LEU D 21 -9.83 12.63 10.45
C LEU D 21 -8.75 12.79 11.46
N PRO D 22 -8.96 11.98 12.45
CA PRO D 22 -8.07 11.69 13.57
C PRO D 22 -6.94 10.80 13.07
N GLY D 23 -5.65 11.13 13.18
CA GLY D 23 -5.08 12.43 13.43
C GLY D 23 -4.43 13.00 12.17
N VAL D 24 -5.01 14.12 11.79
CA VAL D 24 -4.79 14.99 10.66
C VAL D 24 -4.84 16.50 10.84
N LYS D 25 -3.99 17.15 10.09
CA LYS D 25 -3.69 18.52 10.27
C LYS D 25 -3.81 19.05 8.89
N ILE D 26 -4.54 20.12 8.73
CA ILE D 26 -4.64 20.78 7.43
C ILE D 26 -3.73 21.97 7.49
N THR D 27 -2.83 22.07 6.52
CA THR D 27 -1.79 23.08 6.56
C THR D 27 -2.07 24.24 5.63
N GLN D 28 -2.74 23.96 4.52
CA GLN D 28 -2.75 24.90 3.40
C GLN D 28 -3.80 24.56 2.34
N VAL D 29 -4.42 25.59 1.77
CA VAL D 29 -5.33 25.41 0.65
C VAL D 29 -4.87 26.21 -0.56
N THR D 30 -4.96 25.60 -1.73
CA THR D 30 -4.57 26.24 -2.96
C THR D 30 -5.64 26.08 -4.03
N TRP D 31 -6.10 27.19 -4.57
CA TRP D 31 -6.99 27.17 -5.72
C TRP D 31 -6.15 27.13 -6.97
N GLN D 32 -6.39 26.13 -7.80
CA GLN D 32 -5.65 25.99 -9.05
C GLN D 32 -6.61 25.76 -10.20
N LYS D 33 -6.27 26.25 -11.37
CA LYS D 33 -7.15 26.03 -12.53
C LYS D 33 -6.50 25.10 -13.54
N ALA D 34 -7.27 24.13 -14.01
CA ALA D 34 -6.84 23.29 -15.11
C ALA D 34 -6.91 24.09 -16.41
N THR D 35 -5.76 24.18 -17.07
CA THR D 35 -5.67 24.78 -18.37
C THR D 35 -5.08 23.83 -19.37
N ASN D 36 -4.04 24.27 -20.04
CA ASN D 36 -3.62 23.66 -21.28
C ASN D 36 -2.29 22.96 -21.32
N GLY D 37 -2.23 21.74 -20.83
CA GLY D 37 -3.29 21.14 -20.04
C GLY D 37 -2.70 20.80 -18.69
N SER D 38 -2.54 21.83 -17.86
CA SER D 38 -1.91 21.67 -16.56
C SER D 38 -2.58 22.53 -15.50
N LYS D 39 -2.17 22.37 -14.26
CA LYS D 39 -2.59 23.28 -13.20
C LYS D 39 -1.80 24.56 -13.33
N GLN D 40 -2.31 25.65 -12.78
CA GLN D 40 -1.54 26.74 -12.28
C GLN D 40 -2.23 27.36 -11.14
N ASN D 41 -1.49 27.96 -10.24
CA ASN D 41 -2.11 28.39 -8.99
C ASN D 41 -2.81 29.74 -9.13
N VAL D 42 -3.97 29.86 -8.46
CA VAL D 42 -4.76 31.08 -8.47
C VAL D 42 -4.63 31.82 -7.15
N ALA D 43 -4.75 31.08 -6.05
CA ALA D 43 -4.68 31.68 -4.72
C ALA D 43 -4.32 30.63 -3.68
N ILE D 44 -3.50 31.01 -2.71
CA ILE D 44 -3.06 30.10 -1.68
C ILE D 44 -3.34 30.69 -0.31
N TYR D 45 -3.78 29.84 0.64
CA TYR D 45 -3.99 30.29 2.02
C TYR D 45 -3.30 29.37 3.01
N ASN D 46 -2.44 29.96 3.84
CA ASN D 46 -1.79 29.25 4.92
C ASN D 46 -1.78 30.13 6.17
N PRO D 47 -2.49 29.69 7.22
CA PRO D 47 -2.55 30.37 8.52
C PRO D 47 -1.19 30.88 8.99
N ALA D 48 -0.12 30.15 8.66
CA ALA D 48 1.23 30.60 8.96
C ALA D 48 1.55 31.89 8.21
N MET D 49 1.82 31.78 6.91
CA MET D 49 2.23 32.96 6.12
C MET D 49 1.09 33.82 5.59
N GLY D 50 -0.14 33.35 5.71
CA GLY D 50 -1.29 34.14 5.31
C GLY D 50 -1.89 33.81 3.95
N VAL D 51 -1.94 34.82 3.09
CA VAL D 51 -2.71 34.74 1.86
C VAL D 51 -1.93 35.35 0.70
N SER D 52 -2.01 34.71 -0.46
CA SER D 52 -1.39 35.24 -1.67
C SER D 52 -2.24 34.98 -2.91
N VAL D 53 -2.31 35.95 -3.81
CA VAL D 53 -3.04 35.78 -5.06
C VAL D 53 -2.06 35.88 -6.23
N LEU D 54 -2.21 35.00 -7.22
CA LEU D 54 -1.23 34.92 -8.29
C LEU D 54 -1.71 35.51 -9.60
N ALA D 55 -0.77 35.88 -10.46
CA ALA D 55 -1.10 36.37 -11.78
C ALA D 55 -1.70 35.23 -12.62
N PRO D 56 -2.56 35.57 -13.60
CA PRO D 56 -3.07 36.89 -13.93
C PRO D 56 -4.35 37.24 -13.19
N TYR D 57 -4.47 36.78 -11.96
CA TYR D 57 -5.70 36.94 -11.19
C TYR D 57 -5.60 38.03 -10.13
N ARG D 58 -4.51 38.76 -10.11
CA ARG D 58 -4.28 39.68 -9.02
C ARG D 58 -5.25 40.82 -8.92
N GLU D 59 -6.03 41.02 -9.96
CA GLU D 59 -6.99 42.11 -9.96
C GLU D 59 -8.44 41.66 -10.02
N ARG D 60 -8.67 40.35 -10.00
CA ARG D 60 -10.03 39.83 -10.09
C ARG D 60 -10.36 38.92 -8.94
N VAL D 61 -9.33 38.27 -8.40
CA VAL D 61 -9.53 37.33 -7.32
C VAL D 61 -9.25 37.99 -5.98
N GLU D 62 -10.11 37.70 -5.01
CA GLU D 62 -9.95 38.22 -3.67
C GLU D 62 -10.40 37.18 -2.66
N PHE D 63 -9.62 37.00 -1.60
CA PHE D 63 -10.01 36.05 -0.56
C PHE D 63 -11.20 36.58 0.21
N LEU D 64 -12.04 35.67 0.68
CA LEU D 64 -13.24 36.07 1.39
C LEU D 64 -13.10 35.70 2.86
N ARG D 65 -13.28 34.42 3.18
CA ARG D 65 -13.04 33.95 4.53
C ARG D 65 -12.00 32.85 4.53
N PRO D 66 -10.73 33.24 4.51
CA PRO D 66 -9.62 32.28 4.54
C PRO D 66 -9.82 31.21 5.61
N SER D 67 -10.10 29.98 5.19
CA SER D 67 -10.18 28.81 6.07
C SER D 67 -10.28 27.49 5.29
N PHE D 68 -10.31 26.40 6.00
CA PHE D 68 -10.26 25.11 5.37
C PHE D 68 -11.59 24.41 5.20
N THR D 69 -12.55 24.71 6.06
CA THR D 69 -13.86 24.11 5.91
C THR D 69 -14.78 24.91 5.02
N ASP D 70 -14.63 26.22 4.97
CA ASP D 70 -15.33 26.90 3.92
C ASP D 70 -14.51 27.96 3.29
N GLY D 71 -13.52 27.52 2.54
CA GLY D 71 -12.66 28.45 1.89
C GLY D 71 -13.39 29.08 0.77
N THR D 72 -13.21 30.36 0.62
CA THR D 72 -13.93 31.06 -0.38
C THR D 72 -13.08 32.08 -1.00
N ILE D 73 -12.99 32.08 -2.31
CA ILE D 73 -12.50 33.31 -2.89
C ILE D 73 -13.57 33.82 -3.81
N ARG D 74 -13.30 34.95 -4.44
CA ARG D 74 -14.17 35.53 -5.46
C ARG D 74 -13.50 35.79 -6.80
N LEU D 75 -14.01 35.20 -7.86
CA LEU D 75 -13.59 35.56 -9.22
C LEU D 75 -14.52 36.66 -9.73
N SER D 76 -13.95 37.75 -10.23
CA SER D 76 -14.75 38.91 -10.63
C SER D 76 -14.64 39.17 -12.12
N ARG D 77 -15.63 39.88 -12.66
CA ARG D 77 -15.65 40.24 -14.08
C ARG D 77 -15.43 39.02 -14.97
N LEU D 78 -16.31 38.04 -14.83
CA LEU D 78 -16.14 36.72 -15.44
C LEU D 78 -15.93 36.79 -16.94
N GLU D 79 -15.08 35.89 -17.44
CA GLU D 79 -14.64 35.80 -18.81
C GLU D 79 -14.94 34.47 -19.44
N LEU D 80 -15.08 34.41 -20.75
CA LEU D 80 -15.31 33.13 -21.40
C LEU D 80 -14.22 32.14 -21.04
N GLU D 81 -13.01 32.64 -20.85
CA GLU D 81 -11.84 31.80 -20.66
C GLU D 81 -11.70 31.33 -19.22
N ASP D 82 -12.66 31.71 -18.38
CA ASP D 82 -12.67 31.24 -17.00
C ASP D 82 -13.38 29.89 -16.90
N GLU D 83 -14.05 29.49 -17.94
CA GLU D 83 -14.74 28.24 -17.95
C GLU D 83 -13.72 27.17 -17.73
N GLY D 84 -14.05 26.16 -16.96
CA GLY D 84 -13.19 25.01 -16.73
C GLY D 84 -13.16 24.44 -15.33
N VAL D 85 -12.27 23.48 -15.11
CA VAL D 85 -12.12 22.80 -13.83
C VAL D 85 -11.25 23.61 -12.87
N TYR D 86 -11.75 23.80 -11.66
CA TYR D 86 -10.96 24.43 -10.61
C TYR D 86 -10.72 23.41 -9.50
N ILE D 87 -9.45 23.16 -9.20
CA ILE D 87 -9.09 22.20 -8.15
C ILE D 87 -8.85 22.89 -6.82
N CYS D 88 -9.41 22.34 -5.75
CA CYS D 88 -9.11 22.78 -4.40
C CYS D 88 -8.14 21.78 -3.79
N GLU D 89 -6.88 22.13 -3.66
CA GLU D 89 -5.87 21.22 -3.17
C GLU D 89 -5.43 21.48 -1.76
N PHE D 90 -5.59 20.49 -0.91
CA PHE D 90 -5.29 20.62 0.52
C PHE D 90 -3.99 19.91 0.89
N ALA D 91 -3.08 20.63 1.53
CA ALA D 91 -1.85 20.01 2.04
C ALA D 91 -2.09 19.48 3.45
N THR D 92 -2.23 18.17 3.60
CA THR D 92 -2.46 17.61 4.92
C THR D 92 -1.29 16.77 5.41
N PHE D 93 -1.08 16.76 6.72
CA PHE D 93 -0.19 15.81 7.36
C PHE D 93 -1.05 14.88 8.18
N PRO D 94 -0.79 13.57 8.10
CA PRO D 94 0.31 12.92 7.38
C PRO D 94 -0.11 12.32 6.03
N ALA D 95 -1.24 12.73 5.49
CA ALA D 95 -1.80 12.10 4.28
C ALA D 95 -1.19 12.63 3.00
N GLY D 96 -0.75 13.89 3.03
CA GLY D 96 -0.28 14.56 1.83
C GLY D 96 -1.39 15.41 1.22
N ASN D 97 -1.38 15.55 -0.09
CA ASN D 97 -2.39 16.36 -0.72
C ASN D 97 -3.67 15.64 -0.99
N ARG D 98 -4.76 16.30 -0.66
CA ARG D 98 -6.12 15.85 -0.95
C ARG D 98 -6.77 16.95 -1.77
N GLU D 99 -7.41 16.58 -2.88
CA GLU D 99 -8.01 17.59 -3.76
C GLU D 99 -9.49 17.35 -4.06
N SER D 100 -10.18 18.42 -4.44
CA SER D 100 -11.56 18.33 -4.89
C SER D 100 -11.77 19.26 -6.08
N GLN D 101 -12.80 19.02 -6.87
CA GLN D 101 -12.97 19.74 -8.12
C GLN D 101 -14.36 20.33 -8.29
N LEU D 102 -14.43 21.37 -9.12
CA LEU D 102 -15.69 21.86 -9.62
C LEU D 102 -15.52 22.39 -11.04
N ASN D 103 -16.50 22.13 -11.89
CA ASN D 103 -16.52 22.68 -13.22
C ASN D 103 -17.28 23.98 -13.24
N LEU D 104 -16.62 25.05 -13.63
CA LEU D 104 -17.24 26.35 -13.80
C LEU D 104 -17.66 26.49 -15.24
N THR D 105 -18.97 26.61 -15.47
CA THR D 105 -19.48 26.92 -16.80
C THR D 105 -19.83 28.39 -16.85
N VAL D 106 -19.28 29.08 -17.85
CA VAL D 106 -19.61 30.48 -18.09
C VAL D 106 -20.66 30.54 -19.20
N MET D 107 -21.75 31.27 -18.95
CA MET D 107 -22.86 31.35 -19.90
C MET D 107 -23.05 32.76 -20.45
#